data_2HYY
#
_entry.id   2HYY
#
_cell.length_a   141.679
_cell.length_b   148.575
_cell.length_c   115.217
_cell.angle_alpha   90.000
_cell.angle_beta   90.000
_cell.angle_gamma   90.000
#
_symmetry.space_group_name_H-M   'C 2 2 21'
#
loop_
_entity.id
_entity.type
_entity.pdbx_description
1 polymer 'Proto-oncogene tyrosine-protein kinase ABL1'
2 non-polymer 4-(4-METHYL-PIPERAZIN-1-YLMETHYL)-N-[4-METHYL-3-(4-PYRIDIN-3-YL-PYRIMIDIN-2-YLAMINO)-PHENYL]-BENZAMIDE
3 water water
#
_entity_poly.entity_id   1
_entity_poly.type   'polypeptide(L)'
_entity_poly.pdbx_seq_one_letter_code
;VSPNYDKWEMERTDITMKHKLGGGQYGEVYEGVWKKYSLTVAVKTLKEDTMEVEEFLKEAAVMKEIKHPNLVQLLGVCTR
EPPFYIITEFMTYGNLLDYLRECNRQEVNAVVLLYMATQISSAMEYLEKKNFIHRDLAARNCLVGENHLVKVADFGLSRL
MTGDTYTAHAGAKFPIKWTAPESLAYNKFSIKSDVWAFGVLLWEIATYGMSPYPGIDLSQVYELLEKDYRMERPEGCPEK
VYELMRACWQWNPSDRPSFAEIHQAFETMFQES
;
_entity_poly.pdbx_strand_id   A,B,C,D
#
loop_
_chem_comp.id
_chem_comp.type
_chem_comp.name
_chem_comp.formula
STI non-polymer 4-(4-METHYL-PIPERAZIN-1-YLMETHYL)-N-[4-METHYL-3-(4-PYRIDIN-3-YL-PYRIMIDIN-2-YLAMINO)-PHENYL]-BENZAMIDE 'C29 H31 N7 O'
#
# COMPACT_ATOMS: atom_id res chain seq x y z
N TRP A 8 26.11 40.46 3.08
CA TRP A 8 26.08 38.98 2.86
C TRP A 8 26.44 38.62 1.42
N GLU A 9 26.33 39.60 0.52
CA GLU A 9 26.65 39.38 -0.90
C GLU A 9 28.13 39.11 -1.13
N MET A 10 28.41 38.28 -2.13
CA MET A 10 29.78 37.87 -2.43
C MET A 10 29.97 37.30 -3.84
N GLU A 11 31.24 37.20 -4.26
CA GLU A 11 31.59 36.86 -5.64
C GLU A 11 31.59 35.37 -5.96
N ARG A 12 30.81 35.00 -6.99
CA ARG A 12 30.85 33.65 -7.57
C ARG A 12 32.26 33.28 -8.07
N THR A 13 33.15 34.30 -8.05
CA THR A 13 34.59 34.15 -8.30
C THR A 13 35.33 33.69 -7.02
N ASP A 14 34.72 33.90 -5.85
CA ASP A 14 35.31 33.42 -4.60
C ASP A 14 34.84 31.99 -4.26
N ILE A 15 34.11 31.36 -5.18
CA ILE A 15 33.57 30.00 -4.94
C ILE A 15 33.71 28.97 -6.09
N THR A 16 34.33 27.84 -5.74
CA THR A 16 34.49 26.67 -6.60
C THR A 16 33.39 25.65 -6.29
N MET A 17 32.46 25.45 -7.23
CA MET A 17 31.43 24.44 -7.10
C MET A 17 31.97 23.05 -7.41
N LYS A 18 32.06 22.20 -6.38
CA LYS A 18 32.53 20.82 -6.52
C LYS A 18 31.35 19.85 -6.56
N HIS A 19 31.46 18.73 -5.86
CA HIS A 19 30.43 17.69 -5.88
C HIS A 19 29.18 18.05 -5.02
N LYS A 20 28.01 17.51 -5.40
CA LYS A 20 26.81 17.51 -4.56
C LYS A 20 27.07 16.81 -3.24
N LEU A 21 26.63 17.43 -2.13
CA LEU A 21 26.73 16.86 -0.79
C LEU A 21 25.80 15.68 -0.58
N GLY A 22 26.27 14.72 0.22
CA GLY A 22 25.46 13.58 0.67
C GLY A 22 24.84 12.79 -0.47
N GLY A 23 25.55 12.72 -1.59
CA GLY A 23 25.05 12.05 -2.77
C GLY A 23 23.68 12.53 -3.24
N GLY A 24 23.48 13.85 -3.27
CA GLY A 24 22.26 14.47 -3.86
C GLY A 24 21.00 14.28 -3.02
N GLN A 25 21.23 13.88 -1.77
CA GLN A 25 20.24 13.70 -0.72
C GLN A 25 19.70 15.06 -0.24
N TYR A 26 20.53 16.08 -0.38
CA TYR A 26 20.14 17.41 0.02
C TYR A 26 19.67 18.25 -1.16
N GLY A 27 19.45 17.58 -2.30
CA GLY A 27 19.00 18.23 -3.54
C GLY A 27 20.12 19.09 -4.13
N GLU A 28 19.74 20.27 -4.59
CA GLU A 28 20.67 21.20 -5.22
C GLU A 28 21.62 21.90 -4.25
N VAL A 29 22.40 21.12 -3.50
CA VAL A 29 23.35 21.66 -2.52
C VAL A 29 24.72 21.07 -2.82
N TYR A 30 25.75 21.93 -2.89
CA TYR A 30 27.06 21.52 -3.41
C TYR A 30 28.14 21.75 -2.40
N GLU A 31 29.09 20.82 -2.32
CA GLU A 31 30.32 21.04 -1.55
C GLU A 31 31.10 22.07 -2.36
N GLY A 32 31.65 23.06 -1.69
CA GLY A 32 32.42 24.06 -2.39
C GLY A 32 33.55 24.52 -1.51
N VAL A 33 34.45 25.30 -2.07
CA VAL A 33 35.52 25.94 -1.31
C VAL A 33 35.34 27.46 -1.35
N TRP A 34 35.50 28.11 -0.21
CA TRP A 34 35.54 29.57 -0.21
C TRP A 34 36.99 30.00 -0.36
N LYS A 35 37.38 30.21 -1.62
CA LYS A 35 38.78 30.45 -2.02
C LYS A 35 39.46 31.39 -1.08
N LYS A 36 38.83 32.54 -0.85
CA LYS A 36 39.34 33.58 0.04
C LYS A 36 40.01 33.01 1.29
N TYR A 37 39.46 31.91 1.83
CA TYR A 37 39.97 31.34 3.08
C TYR A 37 40.26 29.85 3.02
N SER A 38 40.43 29.32 1.80
CA SER A 38 40.60 27.87 1.60
C SER A 38 39.63 27.12 2.52
N LEU A 39 38.34 27.41 2.34
CA LEU A 39 37.28 26.95 3.25
C LEU A 39 36.23 26.09 2.55
N THR A 40 35.99 24.90 3.12
CA THR A 40 34.90 24.02 2.66
C THR A 40 33.56 24.59 3.12
N VAL A 41 32.67 24.82 2.16
CA VAL A 41 31.35 25.37 2.42
C VAL A 41 30.27 24.48 1.80
N ALA A 42 29.02 24.76 2.17
CA ALA A 42 27.90 24.18 1.46
C ALA A 42 27.19 25.28 0.71
N VAL A 43 26.82 25.01 -0.52
CA VAL A 43 26.19 26.02 -1.33
C VAL A 43 24.88 25.50 -1.88
N LYS A 44 23.78 26.07 -1.39
CA LYS A 44 22.49 25.74 -1.94
C LYS A 44 22.22 26.57 -3.22
N THR A 45 22.04 25.88 -4.34
CA THR A 45 21.85 26.51 -5.64
C THR A 45 20.37 26.55 -5.97
N LEU A 46 20.03 27.32 -7.00
CA LEU A 46 18.70 27.23 -7.62
C LEU A 46 18.78 26.86 -9.11
N LYS A 47 17.98 25.85 -9.48
CA LYS A 47 17.95 25.25 -10.82
C LYS A 47 18.53 26.10 -11.95
N ASP A 49 15.31 27.26 -15.18
CA ASP A 49 15.24 27.39 -13.73
C ASP A 49 13.80 27.16 -13.25
N THR A 50 13.67 26.91 -11.94
CA THR A 50 12.35 26.63 -11.35
C THR A 50 11.72 27.93 -10.88
N MET A 51 10.38 27.93 -10.86
CA MET A 51 9.60 28.97 -10.24
C MET A 51 9.53 28.77 -8.72
N GLU A 52 10.72 28.61 -8.12
CA GLU A 52 10.91 28.46 -6.66
C GLU A 52 11.72 29.66 -6.09
N VAL A 53 11.82 30.72 -6.91
CA VAL A 53 12.68 31.87 -6.63
C VAL A 53 12.21 32.68 -5.41
N GLU A 54 10.88 32.67 -5.24
CA GLU A 54 10.20 33.36 -4.15
C GLU A 54 10.65 32.86 -2.76
N GLU A 55 10.54 31.54 -2.58
CA GLU A 55 10.81 30.90 -1.30
C GLU A 55 12.33 30.81 -1.00
N PHE A 56 13.13 30.74 -2.05
CA PHE A 56 14.59 30.75 -1.95
C PHE A 56 15.09 32.10 -1.40
N LEU A 57 14.38 33.17 -1.72
CA LEU A 57 14.83 34.51 -1.30
C LEU A 57 14.37 34.84 0.12
N LYS A 58 13.14 34.41 0.47
CA LYS A 58 12.66 34.52 1.85
C LYS A 58 13.73 33.85 2.73
N GLU A 59 14.20 32.68 2.26
CA GLU A 59 15.10 31.84 3.01
C GLU A 59 16.39 32.53 3.39
N ALA A 60 17.09 33.08 2.40
CA ALA A 60 18.29 33.91 2.61
C ALA A 60 18.11 35.08 3.60
N ALA A 61 16.96 35.77 3.46
CA ALA A 61 16.53 36.89 4.32
C ALA A 61 16.40 36.42 5.75
N VAL A 62 15.74 35.27 5.94
CA VAL A 62 15.53 34.67 7.26
C VAL A 62 16.86 34.34 7.92
N MET A 63 17.72 33.69 7.14
CA MET A 63 19.01 33.25 7.61
C MET A 63 19.85 34.42 8.09
N LYS A 64 19.80 35.54 7.33
CA LYS A 64 20.43 36.83 7.76
C LYS A 64 20.01 37.28 9.16
N GLU A 65 18.79 36.95 9.57
CA GLU A 65 18.23 37.40 10.85
C GLU A 65 18.61 36.56 12.11
N ILE A 66 19.21 35.38 11.89
CA ILE A 66 19.43 34.41 12.96
C ILE A 66 20.88 33.98 13.05
N LYS A 67 21.38 33.89 14.29
CA LYS A 67 22.78 33.58 14.58
C LYS A 67 22.85 33.07 15.99
N HIS A 68 23.47 31.91 16.15
CA HIS A 68 23.48 31.19 17.40
C HIS A 68 24.50 30.09 17.20
N PRO A 69 25.25 29.70 18.27
CA PRO A 69 26.23 28.63 18.18
C PRO A 69 25.65 27.31 17.62
N ASN A 70 24.34 27.08 17.79
CA ASN A 70 23.71 25.81 17.44
C ASN A 70 22.73 25.93 16.26
N LEU A 71 22.91 26.96 15.43
CA LEU A 71 22.14 27.04 14.23
C LEU A 71 23.12 27.02 13.12
N VAL A 72 22.86 26.26 12.05
CA VAL A 72 23.79 26.32 10.94
C VAL A 72 24.04 27.82 10.50
N GLN A 73 25.32 28.11 10.25
CA GLN A 73 25.79 29.47 10.05
C GLN A 73 25.78 29.90 8.61
N LEU A 74 24.96 30.91 8.33
CA LEU A 74 25.07 31.64 7.06
C LEU A 74 26.43 32.34 6.99
N LEU A 75 27.01 32.29 5.79
CA LEU A 75 28.30 32.96 5.51
C LEU A 75 28.13 33.98 4.38
N GLY A 76 27.39 33.60 3.34
CA GLY A 76 27.02 34.52 2.29
C GLY A 76 25.93 34.00 1.41
N VAL A 77 25.49 34.84 0.46
CA VAL A 77 24.51 34.47 -0.58
C VAL A 77 25.00 35.08 -1.91
N CYS A 78 24.41 34.65 -3.02
CA CYS A 78 24.70 35.24 -4.35
C CYS A 78 23.36 35.47 -5.05
N THR A 79 22.74 36.60 -4.75
CA THR A 79 21.37 36.83 -5.22
C THR A 79 21.12 38.13 -6.02
N ARG A 80 22.18 38.68 -6.60
CA ARG A 80 22.06 39.72 -7.62
C ARG A 80 21.79 39.01 -8.96
N GLU A 81 22.79 38.26 -9.46
CA GLU A 81 22.62 37.46 -10.67
C GLU A 81 22.37 35.97 -10.36
N PRO A 82 21.56 35.28 -11.19
CA PRO A 82 21.65 33.81 -11.19
C PRO A 82 23.07 33.33 -11.60
N PRO A 83 23.47 32.10 -11.18
CA PRO A 83 22.64 31.19 -10.37
C PRO A 83 22.55 31.71 -8.92
N PHE A 84 21.39 31.53 -8.30
CA PHE A 84 21.19 32.00 -6.93
C PHE A 84 21.83 31.01 -5.97
N TYR A 85 22.71 31.52 -5.11
CA TYR A 85 23.38 30.72 -4.10
C TYR A 85 22.92 31.12 -2.71
N ILE A 86 23.05 30.18 -1.77
CA ILE A 86 23.14 30.49 -0.32
C ILE A 86 24.24 29.61 0.24
N ILE A 87 25.08 30.21 1.09
CA ILE A 87 26.35 29.66 1.50
C ILE A 87 26.49 29.55 3.02
N THR A 88 26.62 28.32 3.53
CA THR A 88 26.86 28.14 4.97
C THR A 88 28.14 27.40 5.28
N GLU A 89 28.46 27.33 6.56
CA GLU A 89 29.54 26.46 7.05
C GLU A 89 29.26 24.98 6.64
N PHE A 90 30.29 24.16 6.67
CA PHE A 90 30.16 22.78 6.27
C PHE A 90 30.48 22.03 7.53
N MET A 91 29.61 21.06 7.86
CA MET A 91 29.78 20.30 9.11
C MET A 91 30.34 18.91 8.87
N THR A 92 31.52 18.64 9.43
CA THR A 92 32.32 17.43 9.09
C THR A 92 31.60 16.12 9.13
N TYR A 93 30.83 15.91 10.20
CA TYR A 93 30.18 14.63 10.41
C TYR A 93 28.83 14.42 9.76
N GLY A 94 28.32 15.45 9.07
CA GLY A 94 27.07 15.40 8.29
C GLY A 94 25.83 15.43 9.14
N ASN A 95 24.74 14.88 8.59
CA ASN A 95 23.46 14.88 9.32
C ASN A 95 23.46 13.94 10.53
N LEU A 96 22.76 14.41 11.55
CA LEU A 96 22.64 13.76 12.84
C LEU A 96 22.04 12.37 12.79
N LEU A 97 21.00 12.15 11.98
CA LEU A 97 20.32 10.83 11.90
C LEU A 97 21.29 9.70 11.55
N ASP A 98 22.03 9.89 10.45
CA ASP A 98 23.09 8.99 10.00
C ASP A 98 24.18 8.94 11.03
N TYR A 99 24.62 10.09 11.54
CA TYR A 99 25.63 10.09 12.59
C TYR A 99 25.28 9.14 13.73
N LEU A 100 24.05 9.20 14.22
CA LEU A 100 23.62 8.35 15.32
C LEU A 100 23.64 6.88 14.92
N ARG A 101 23.30 6.56 13.67
CA ARG A 101 23.14 5.14 13.25
C ARG A 101 24.52 4.58 13.05
N GLU A 102 25.44 5.47 12.69
CA GLU A 102 26.78 5.05 12.25
C GLU A 102 27.82 5.19 13.32
N CYS A 103 27.51 5.83 14.42
CA CYS A 103 28.49 6.13 15.47
C CYS A 103 29.03 4.93 16.34
N ASN A 104 30.12 5.22 17.04
CA ASN A 104 30.76 4.36 18.02
C ASN A 104 29.99 4.74 19.24
N ARG A 105 29.14 3.80 19.68
CA ARG A 105 28.28 4.02 20.82
C ARG A 105 29.03 4.11 22.13
N GLN A 106 30.33 3.73 22.15
CA GLN A 106 31.12 3.87 23.36
C GLN A 106 31.59 5.32 23.43
N GLU A 107 31.88 5.94 22.29
CA GLU A 107 32.13 7.36 22.25
C GLU A 107 30.82 8.15 22.49
N VAL A 108 29.80 7.87 21.64
CA VAL A 108 28.52 8.55 21.75
C VAL A 108 27.63 7.83 22.73
N ASN A 109 27.97 8.07 23.99
CA ASN A 109 27.30 7.46 25.12
C ASN A 109 26.25 8.40 25.68
N ALA A 110 25.55 7.92 26.73
CA ALA A 110 24.57 8.66 27.52
C ALA A 110 24.82 10.19 27.65
N VAL A 111 26.01 10.56 28.10
CA VAL A 111 26.41 11.97 28.31
C VAL A 111 26.40 12.72 26.98
N VAL A 112 27.00 12.13 25.95
CA VAL A 112 26.91 12.72 24.63
C VAL A 112 25.43 12.90 24.14
N LEU A 113 24.59 11.87 24.28
CA LEU A 113 23.18 11.96 23.83
C LEU A 113 22.54 13.20 24.46
N LEU A 114 22.90 13.40 25.72
CA LEU A 114 22.31 14.45 26.53
C LEU A 114 22.81 15.82 26.07
N TYR A 115 24.12 15.94 25.89
CA TYR A 115 24.76 17.06 25.24
C TYR A 115 24.17 17.39 23.87
N MET A 116 23.88 16.39 23.04
CA MET A 116 23.20 16.61 21.77
C MET A 116 21.79 17.23 21.95
N ALA A 117 20.96 16.65 22.81
CA ALA A 117 19.66 17.25 23.13
C ALA A 117 19.76 18.68 23.66
N THR A 118 20.74 18.94 24.53
CA THR A 118 20.92 20.27 25.11
C THR A 118 21.12 21.33 24.07
N GLN A 119 22.01 21.07 23.13
CA GLN A 119 22.38 22.02 22.08
C GLN A 119 21.26 22.33 21.18
N ILE A 120 20.45 21.33 20.85
CA ILE A 120 19.31 21.53 19.95
C ILE A 120 18.28 22.39 20.64
N SER A 121 18.04 22.14 21.92
CA SER A 121 17.04 22.84 22.69
C SER A 121 17.51 24.31 22.95
N SER A 122 18.84 24.52 23.05
CA SER A 122 19.37 25.88 23.01
C SER A 122 19.15 26.58 21.65
N ALA A 123 19.48 25.94 20.52
CA ALA A 123 19.08 26.51 19.21
C ALA A 123 17.62 26.84 19.19
N MET A 124 16.78 25.95 19.71
CA MET A 124 15.33 26.19 19.62
C MET A 124 14.83 27.28 20.59
N GLU A 125 15.46 27.36 21.76
CA GLU A 125 15.15 28.39 22.73
C GLU A 125 15.36 29.75 22.10
N TYR A 126 16.45 29.89 21.37
CA TYR A 126 16.71 31.02 20.49
C TYR A 126 15.67 31.39 19.40
N LEU A 127 15.34 30.50 18.46
CA LEU A 127 14.21 30.71 17.54
C LEU A 127 12.89 31.06 18.23
N GLU A 128 12.59 30.38 19.33
CA GLU A 128 11.47 30.75 20.17
C GLU A 128 11.44 32.27 20.57
N LYS A 129 12.53 32.75 21.21
CA LYS A 129 12.70 34.15 21.63
C LYS A 129 12.58 35.12 20.44
N LYS A 130 13.19 34.77 19.31
CA LYS A 130 13.05 35.54 18.10
C LYS A 130 11.70 35.33 17.42
N ASN A 131 10.73 34.71 18.10
CA ASN A 131 9.44 34.25 17.49
C ASN A 131 9.49 33.65 16.06
N PHE A 132 10.53 32.87 15.79
CA PHE A 132 10.54 31.99 14.61
C PHE A 132 9.94 30.61 14.91
N ILE A 133 9.60 29.89 13.84
CA ILE A 133 9.00 28.55 13.89
C ILE A 133 9.83 27.79 12.91
N HIS A 134 10.43 26.67 13.35
CA HIS A 134 11.22 25.82 12.48
C HIS A 134 10.29 25.14 11.48
N ARG A 135 9.38 24.32 12.01
CA ARG A 135 8.40 23.55 11.22
C ARG A 135 8.77 22.12 10.76
N ASP A 136 10.01 21.68 10.90
CA ASP A 136 10.36 20.33 10.45
C ASP A 136 11.58 19.93 11.27
N LEU A 137 11.40 19.94 12.58
CA LEU A 137 12.51 19.68 13.44
C LEU A 137 12.61 18.15 13.46
N ALA A 138 13.81 17.61 13.16
CA ALA A 138 14.01 16.16 13.14
C ALA A 138 15.45 15.93 13.14
N ALA A 139 15.93 14.75 13.56
CA ALA A 139 17.41 14.48 13.45
C ALA A 139 17.95 14.70 12.05
N ARG A 140 17.19 14.36 11.02
CA ARG A 140 17.64 14.55 9.63
C ARG A 140 17.97 16.01 9.25
N ASN A 141 17.56 16.95 10.10
CA ASN A 141 17.68 18.36 9.79
C ASN A 141 18.74 18.98 10.71
N CYS A 142 19.47 18.11 11.43
CA CYS A 142 20.59 18.47 12.28
C CYS A 142 21.92 18.00 11.70
N LEU A 143 22.96 18.78 12.03
CA LEU A 143 24.32 18.52 11.54
C LEU A 143 25.23 18.34 12.73
N VAL A 144 26.29 17.55 12.54
CA VAL A 144 27.28 17.28 13.60
C VAL A 144 28.66 17.67 13.16
N GLY A 145 29.38 18.36 14.06
CA GLY A 145 30.79 18.70 13.82
C GLY A 145 31.66 18.02 14.87
N GLU A 146 32.90 18.48 14.98
CA GLU A 146 33.91 17.93 15.84
C GLU A 146 33.48 18.08 17.28
N ASN A 147 33.78 17.06 18.08
CA ASN A 147 33.54 17.09 19.52
C ASN A 147 32.04 17.04 19.90
N HIS A 148 31.23 16.50 18.99
CA HIS A 148 29.80 16.28 19.20
C HIS A 148 29.02 17.60 19.18
N LEU A 149 29.56 18.56 18.41
CA LEU A 149 28.91 19.84 18.22
C LEU A 149 27.74 19.59 17.28
N VAL A 150 26.56 20.04 17.69
CA VAL A 150 25.35 19.82 16.92
C VAL A 150 24.71 21.15 16.56
N LYS A 151 24.40 21.30 15.28
CA LYS A 151 23.61 22.43 14.77
C LYS A 151 22.25 22.05 14.12
N VAL A 152 21.21 22.75 14.54
CA VAL A 152 19.92 22.68 13.89
C VAL A 152 19.97 23.41 12.55
N ALA A 153 19.37 22.82 11.52
CA ALA A 153 19.32 23.38 10.17
C ALA A 153 17.91 23.21 9.60
N ASP A 154 17.72 23.46 8.31
CA ASP A 154 16.45 23.20 7.65
C ASP A 154 16.82 23.06 6.18
N PHE A 155 16.77 21.84 5.66
CA PHE A 155 17.28 21.60 4.31
C PHE A 155 16.19 21.56 3.26
N GLY A 156 14.92 21.76 3.64
CA GLY A 156 13.79 21.68 2.70
C GLY A 156 13.57 20.28 2.16
N LEU A 157 13.47 19.32 3.06
CA LEU A 157 13.43 17.91 2.73
C LEU A 157 12.09 17.32 2.16
N SER A 158 10.94 17.99 2.42
CA SER A 158 9.59 17.59 1.93
C SER A 158 9.57 16.96 0.56
N ARG A 159 10.07 17.69 -0.44
CA ARG A 159 10.00 17.28 -1.87
C ARG A 159 11.24 16.50 -2.38
N LEU A 160 12.41 16.73 -1.79
CA LEU A 160 13.56 15.87 -2.05
C LEU A 160 13.28 14.42 -1.56
N MET A 161 13.35 14.25 -0.23
CA MET A 161 13.32 12.95 0.48
C MET A 161 12.56 11.76 -0.16
N THR A 162 13.10 10.57 0.12
CA THR A 162 12.81 9.35 -0.62
C THR A 162 12.16 8.30 0.29
N GLY A 163 10.85 8.33 0.38
CA GLY A 163 10.12 7.29 1.06
C GLY A 163 8.87 7.79 1.73
N ASP A 164 8.47 7.08 2.78
CA ASP A 164 7.26 7.36 3.54
C ASP A 164 7.53 8.36 4.65
N THR A 165 8.74 8.98 4.70
CA THR A 165 9.08 9.99 5.75
C THR A 165 8.14 11.19 5.66
N TYR A 166 8.07 11.79 4.47
CA TYR A 166 7.04 12.75 4.16
C TYR A 166 5.91 12.13 3.35
N THR A 167 4.67 12.43 3.76
CA THR A 167 3.51 12.02 3.00
C THR A 167 2.66 13.20 2.59
N ALA A 168 1.89 13.02 1.51
CA ALA A 168 1.11 14.13 0.92
C ALA A 168 -0.07 14.57 1.81
N HIS A 169 -0.23 15.87 1.85
CA HIS A 169 -1.37 16.52 2.44
C HIS A 169 -1.61 17.77 1.60
N ALA A 170 -2.60 17.70 0.69
CA ALA A 170 -2.98 18.82 -0.16
C ALA A 170 -1.80 19.57 -0.79
N GLY A 171 -1.13 18.92 -1.73
CA GLY A 171 0.02 19.53 -2.43
C GLY A 171 1.25 19.77 -1.56
N ALA A 172 1.05 19.86 -0.23
CA ALA A 172 2.16 19.83 0.73
C ALA A 172 2.47 18.43 1.24
N LYS A 173 3.72 18.20 1.59
CA LYS A 173 4.16 16.96 2.24
C LYS A 173 4.58 17.22 3.68
N PHE A 174 4.06 16.40 4.59
CA PHE A 174 4.33 16.55 6.01
C PHE A 174 4.93 15.28 6.49
N PRO A 175 5.92 15.38 7.39
CA PRO A 175 6.43 14.16 8.03
C PRO A 175 5.48 13.81 9.16
N ILE A 176 4.47 12.96 8.90
CA ILE A 176 3.40 12.61 9.88
C ILE A 176 3.83 12.31 11.31
N LYS A 177 4.85 11.47 11.39
CA LYS A 177 5.33 10.93 12.67
C LYS A 177 6.10 11.97 13.47
N TRP A 178 6.42 13.12 12.88
CA TRP A 178 6.99 14.27 13.63
C TRP A 178 6.00 15.40 13.95
N THR A 179 4.75 15.31 13.43
CA THR A 179 3.83 16.44 13.30
C THR A 179 2.80 16.52 14.44
N ALA A 180 2.66 17.71 15.04
CA ALA A 180 1.82 17.84 16.23
C ALA A 180 0.36 17.53 15.80
N PRO A 181 -0.47 16.95 16.66
CA PRO A 181 -1.88 16.69 16.23
C PRO A 181 -2.59 17.92 15.63
N GLU A 182 -2.37 19.11 16.24
CA GLU A 182 -3.11 20.33 15.83
C GLU A 182 -2.68 20.70 14.46
N SER A 183 -1.47 20.28 14.10
CA SER A 183 -0.90 20.56 12.78
C SER A 183 -1.45 19.57 11.76
N LEU A 184 -1.59 18.28 12.15
CA LEU A 184 -2.29 17.24 11.36
C LEU A 184 -3.77 17.54 11.20
N ALA A 185 -4.42 17.96 12.27
CA ALA A 185 -5.85 18.25 12.25
C ALA A 185 -6.26 19.58 11.61
N TYR A 186 -5.52 20.67 11.90
CA TYR A 186 -6.01 22.01 11.60
C TYR A 186 -5.00 22.87 10.84
N ASN A 187 -3.88 22.26 10.45
CA ASN A 187 -2.85 22.97 9.74
C ASN A 187 -2.20 24.10 10.57
N LYS A 188 -2.26 23.93 11.90
CA LYS A 188 -1.74 24.88 12.86
C LYS A 188 -0.29 24.57 13.32
N PHE A 189 0.63 25.38 12.82
CA PHE A 189 2.01 25.28 13.19
C PHE A 189 2.33 26.45 14.10
N SER A 190 3.12 26.21 15.14
CA SER A 190 3.56 27.24 16.04
C SER A 190 4.79 26.64 16.66
N ILE A 191 5.47 27.42 17.51
CA ILE A 191 6.62 27.01 18.25
C ILE A 191 6.32 25.82 19.12
N LYS A 192 5.07 25.73 19.58
CA LYS A 192 4.54 24.54 20.25
C LYS A 192 4.48 23.24 19.41
N SER A 193 4.31 23.34 18.10
CA SER A 193 4.36 22.10 17.34
C SER A 193 5.87 21.73 17.10
N ASP A 194 6.72 22.76 17.11
CA ASP A 194 8.15 22.54 17.14
C ASP A 194 8.52 21.75 18.41
N VAL A 195 7.85 22.08 19.50
CA VAL A 195 8.08 21.39 20.79
C VAL A 195 7.68 19.96 20.66
N TRP A 196 6.50 19.68 20.09
CA TRP A 196 6.12 18.29 19.75
C TRP A 196 7.17 17.53 18.93
N ALA A 197 7.61 18.11 17.83
CA ALA A 197 8.66 17.50 16.97
C ALA A 197 10.00 17.28 17.72
N PHE A 198 10.37 18.19 18.61
CA PHE A 198 11.51 17.99 19.51
C PHE A 198 11.37 16.76 20.38
N GLY A 199 10.19 16.48 20.93
CA GLY A 199 9.99 15.23 21.68
C GLY A 199 10.23 13.98 20.83
N VAL A 200 9.96 14.03 19.53
CA VAL A 200 10.19 12.88 18.65
C VAL A 200 11.68 12.79 18.37
N LEU A 201 12.27 13.98 18.13
CA LEU A 201 13.70 14.09 17.98
C LEU A 201 14.49 13.57 19.23
N LEU A 202 14.06 13.92 20.45
CA LEU A 202 14.55 13.20 21.68
C LEU A 202 14.59 11.66 21.58
N TRP A 203 13.50 11.07 21.08
CA TRP A 203 13.39 9.62 20.87
C TRP A 203 14.33 9.10 19.79
N GLU A 204 14.61 9.88 18.75
CA GLU A 204 15.58 9.51 17.76
C GLU A 204 16.95 9.44 18.35
N ILE A 205 17.31 10.45 19.14
CA ILE A 205 18.60 10.50 19.81
C ILE A 205 18.80 9.25 20.71
N ALA A 206 17.83 8.96 21.55
CA ALA A 206 17.87 7.86 22.54
C ALA A 206 17.89 6.49 21.93
N THR A 207 17.42 6.35 20.68
CA THR A 207 17.31 4.99 20.09
C THR A 207 18.43 4.92 19.08
N TYR A 208 19.34 5.90 19.12
CA TYR A 208 20.38 6.01 18.11
C TYR A 208 19.87 6.02 16.65
N GLY A 209 18.85 6.86 16.36
CA GLY A 209 18.33 7.04 15.04
C GLY A 209 17.35 5.97 14.58
N MET A 210 16.59 5.40 15.50
CA MET A 210 15.51 4.52 15.07
C MET A 210 14.39 5.35 14.45
N SER A 211 13.61 4.72 13.59
CA SER A 211 12.41 5.40 13.08
C SER A 211 11.33 5.33 14.13
N PRO A 212 10.61 6.45 14.32
CA PRO A 212 9.55 6.67 15.30
C PRO A 212 8.32 5.84 14.93
N TYR A 213 7.52 5.49 15.93
CA TYR A 213 6.36 4.67 15.74
C TYR A 213 6.64 3.47 14.81
N PRO A 214 7.57 2.58 15.21
CA PRO A 214 8.00 1.54 14.23
C PRO A 214 6.85 0.62 13.76
N GLY A 215 6.76 0.43 12.44
CA GLY A 215 5.74 -0.32 11.75
C GLY A 215 4.32 0.19 11.81
N ILE A 216 4.07 1.29 12.54
CA ILE A 216 2.71 1.76 12.71
C ILE A 216 2.31 2.51 11.45
N ASP A 217 1.22 2.11 10.78
CA ASP A 217 0.87 2.87 9.57
C ASP A 217 0.45 4.27 9.89
N LEU A 218 0.91 5.10 8.97
CA LEU A 218 0.67 6.49 8.90
C LEU A 218 -0.74 6.91 9.13
N SER A 219 -1.70 6.16 8.63
CA SER A 219 -3.08 6.61 8.66
C SER A 219 -3.72 6.35 10.03
N GLN A 220 -3.02 5.60 10.90
CA GLN A 220 -3.54 5.40 12.25
C GLN A 220 -2.85 6.18 13.34
N VAL A 221 -1.92 7.04 12.96
CA VAL A 221 -1.09 7.74 13.92
C VAL A 221 -1.94 8.76 14.68
N TYR A 222 -2.66 9.63 13.94
CA TYR A 222 -3.57 10.59 14.57
C TYR A 222 -4.52 9.93 15.57
N GLU A 223 -5.34 8.98 15.11
CA GLU A 223 -6.27 8.21 15.97
C GLU A 223 -5.61 7.66 17.22
N LEU A 224 -4.38 7.14 17.09
CA LEU A 224 -3.65 6.64 18.28
C LEU A 224 -3.25 7.73 19.26
N LEU A 225 -2.80 8.89 18.74
CA LEU A 225 -2.38 10.01 19.58
C LEU A 225 -3.61 10.55 20.30
N GLU A 226 -4.73 10.61 19.59
CA GLU A 226 -6.00 10.97 20.21
C GLU A 226 -6.38 10.02 21.34
N LYS A 227 -6.10 8.73 21.20
CA LYS A 227 -6.46 7.76 22.25
C LYS A 227 -5.40 7.66 23.24
N ASP A 228 -4.39 8.51 23.09
CA ASP A 228 -3.37 8.73 24.10
C ASP A 228 -2.20 7.77 24.04
N TYR A 229 -1.99 7.19 22.86
CA TYR A 229 -0.85 6.39 22.67
C TYR A 229 0.34 7.34 22.45
N ARG A 230 1.43 7.03 23.12
CA ARG A 230 2.69 7.67 22.93
C ARG A 230 3.75 6.57 22.83
N MET A 231 4.83 6.85 22.13
CA MET A 231 5.94 5.91 22.03
C MET A 231 6.51 5.64 23.38
N GLU A 232 6.98 4.41 23.59
CA GLU A 232 7.56 3.96 24.88
C GLU A 232 8.92 4.58 25.14
N ARG A 233 9.35 4.53 26.40
CA ARG A 233 10.70 4.94 26.80
C ARG A 233 11.69 3.99 26.14
N PRO A 234 12.63 4.53 25.36
CA PRO A 234 13.65 3.60 24.83
C PRO A 234 14.48 2.88 25.94
N GLU A 235 15.19 1.81 25.55
CA GLU A 235 16.03 1.10 26.46
C GLU A 235 17.16 2.05 26.86
N GLY A 236 17.32 2.32 28.16
CA GLY A 236 18.48 3.11 28.62
C GLY A 236 18.27 4.62 28.65
N CYS A 237 17.06 5.08 28.39
CA CYS A 237 16.78 6.51 28.31
C CYS A 237 16.43 6.96 29.72
N PRO A 238 17.12 8.01 30.24
CA PRO A 238 16.89 8.42 31.63
C PRO A 238 15.45 8.82 31.74
N GLU A 239 14.86 8.55 32.88
CA GLU A 239 13.44 8.72 33.07
C GLU A 239 13.01 10.19 32.96
N LYS A 240 13.91 11.10 33.34
CA LYS A 240 13.64 12.53 33.29
C LYS A 240 13.69 13.07 31.86
N VAL A 241 14.53 12.48 31.02
CA VAL A 241 14.51 12.78 29.62
C VAL A 241 13.17 12.29 29.06
N TYR A 242 12.73 11.10 29.48
CA TYR A 242 11.48 10.55 28.96
C TYR A 242 10.23 11.34 29.40
N GLU A 243 10.27 11.84 30.63
CA GLU A 243 9.24 12.66 31.22
C GLU A 243 9.15 13.99 30.44
N LEU A 244 10.32 14.51 30.08
CA LEU A 244 10.41 15.64 29.19
C LEU A 244 9.79 15.39 27.79
N MET A 245 10.12 14.23 27.19
CA MET A 245 9.53 13.77 25.93
C MET A 245 8.04 13.78 26.07
N ARG A 246 7.58 13.12 27.12
CA ARG A 246 6.14 13.05 27.47
C ARG A 246 5.43 14.42 27.58
N ALA A 247 6.13 15.46 28.08
CA ALA A 247 5.60 16.82 28.10
C ALA A 247 5.55 17.51 26.70
N CYS A 248 6.60 17.30 25.88
CA CYS A 248 6.57 17.77 24.50
C CYS A 248 5.38 17.21 23.71
N TRP A 249 4.95 15.98 24.06
CA TRP A 249 3.82 15.31 23.46
C TRP A 249 2.47 15.52 24.15
N GLN A 250 2.33 16.58 24.97
CA GLN A 250 1.02 16.93 25.52
C GLN A 250 0.07 17.19 24.39
N TRP A 251 -1.13 16.62 24.50
CA TRP A 251 -2.18 16.85 23.49
C TRP A 251 -2.35 18.33 23.21
N ASN A 252 -2.44 19.15 24.27
CA ASN A 252 -2.78 20.57 24.09
C ASN A 252 -1.48 21.35 23.91
N PRO A 253 -1.38 22.09 22.80
CA PRO A 253 -0.13 22.85 22.58
C PRO A 253 0.25 23.69 23.80
N SER A 254 -0.70 24.39 24.43
CA SER A 254 -0.38 25.24 25.56
C SER A 254 0.07 24.48 26.80
N ASP A 255 -0.22 23.16 26.88
CA ASP A 255 0.34 22.36 28.00
C ASP A 255 1.79 21.91 27.73
N ARG A 256 2.35 22.27 26.59
CA ARG A 256 3.68 21.83 26.26
C ARG A 256 4.63 22.87 26.86
N PRO A 257 5.77 22.41 27.42
CA PRO A 257 6.76 23.34 27.92
C PRO A 257 7.33 24.15 26.79
N SER A 258 8.09 25.17 27.15
CA SER A 258 8.71 26.07 26.22
C SER A 258 10.12 25.51 26.00
N PHE A 259 10.79 25.92 24.95
CA PHE A 259 12.18 25.54 24.76
C PHE A 259 13.11 26.19 25.83
N ALA A 260 12.77 27.40 26.30
CA ALA A 260 13.41 27.97 27.53
C ALA A 260 13.42 26.96 28.67
N GLU A 261 12.21 26.52 29.03
CA GLU A 261 12.02 25.49 30.04
C GLU A 261 12.84 24.25 29.77
N ILE A 262 12.73 23.70 28.55
CA ILE A 262 13.37 22.43 28.16
C ILE A 262 14.86 22.53 28.21
N HIS A 263 15.37 23.64 27.66
CA HIS A 263 16.79 23.92 27.68
C HIS A 263 17.27 23.98 29.11
N GLN A 264 16.52 24.65 30.00
CA GLN A 264 16.90 24.69 31.44
C GLN A 264 16.92 23.30 32.08
N ALA A 265 15.85 22.51 31.89
CA ALA A 265 15.84 21.11 32.34
C ALA A 265 17.03 20.35 31.80
N PHE A 266 17.36 20.54 30.52
CA PHE A 266 18.51 19.85 29.91
C PHE A 266 19.84 20.36 30.39
N GLU A 267 19.97 21.68 30.59
CA GLU A 267 21.20 22.30 31.15
C GLU A 267 21.49 21.79 32.56
N THR A 268 20.48 21.75 33.45
CA THR A 268 20.64 21.15 34.78
C THR A 268 21.21 19.74 34.62
N MET A 269 20.44 18.87 33.97
CA MET A 269 20.82 17.46 33.80
C MET A 269 22.28 17.26 33.38
N PHE A 270 22.76 18.09 32.44
CA PHE A 270 24.12 17.99 31.91
C PHE A 270 25.20 18.17 33.02
N GLN A 271 25.58 17.02 33.62
CA GLN A 271 26.27 16.90 34.94
C GLN A 271 27.44 15.89 34.90
N ASP B 6 -43.71 15.88 21.70
CA ASP B 6 -43.03 15.74 20.37
C ASP B 6 -43.74 14.75 19.45
N LYS B 7 -44.42 15.27 18.41
CA LYS B 7 -45.17 14.45 17.42
C LYS B 7 -44.36 13.37 16.64
N TRP B 8 -43.05 13.51 16.62
CA TRP B 8 -42.19 12.60 15.87
C TRP B 8 -42.01 11.29 16.64
N GLU B 9 -41.91 11.40 17.98
CA GLU B 9 -41.81 10.25 18.92
C GLU B 9 -42.91 9.24 18.64
N MET B 10 -42.48 7.99 18.57
CA MET B 10 -43.36 6.88 18.33
C MET B 10 -43.04 5.68 19.23
N GLU B 11 -43.94 4.69 19.17
CA GLU B 11 -43.92 3.54 20.07
C GLU B 11 -43.16 2.36 19.47
N ARG B 12 -41.96 2.12 20.01
CA ARG B 12 -41.04 1.11 19.47
C ARG B 12 -41.71 -0.21 19.20
N THR B 13 -42.77 -0.44 19.97
CA THR B 13 -43.69 -1.57 19.84
C THR B 13 -44.27 -1.65 18.44
N ASP B 14 -44.60 -0.48 17.85
CA ASP B 14 -45.25 -0.38 16.51
C ASP B 14 -44.45 -1.00 15.35
N ILE B 15 -43.13 -1.04 15.51
CA ILE B 15 -42.20 -1.62 14.57
C ILE B 15 -41.66 -2.97 15.03
N THR B 16 -41.85 -3.96 14.15
CA THR B 16 -41.13 -5.22 14.13
C THR B 16 -39.81 -5.04 13.38
N MET B 17 -38.71 -5.21 14.10
CA MET B 17 -37.37 -5.23 13.53
C MET B 17 -37.08 -6.52 12.82
N LYS B 18 -36.31 -6.42 11.75
CA LYS B 18 -35.98 -7.61 11.01
C LYS B 18 -34.47 -7.60 10.84
N HIS B 19 -34.00 -7.86 9.63
CA HIS B 19 -32.59 -8.04 9.38
C HIS B 19 -31.87 -6.72 9.08
N LYS B 20 -30.62 -6.57 9.54
CA LYS B 20 -29.76 -5.48 9.10
C LYS B 20 -29.90 -5.35 7.59
N LEU B 21 -30.01 -4.12 7.10
CA LEU B 21 -30.16 -3.84 5.66
C LEU B 21 -28.80 -3.91 4.99
N GLY B 22 -28.84 -4.15 3.68
CA GLY B 22 -27.67 -4.10 2.81
C GLY B 22 -26.61 -5.03 3.37
N GLY B 23 -27.07 -6.03 4.12
CA GLY B 23 -26.21 -6.90 4.91
C GLY B 23 -25.18 -6.13 5.72
N GLY B 24 -25.62 -5.20 6.57
CA GLY B 24 -24.73 -4.41 7.47
C GLY B 24 -23.85 -3.34 6.84
N GLN B 25 -23.99 -3.23 5.51
CA GLN B 25 -23.47 -2.16 4.67
C GLN B 25 -23.62 -0.75 5.28
N TYR B 26 -24.68 -0.57 6.07
CA TYR B 26 -24.97 0.75 6.62
C TYR B 26 -24.83 0.81 8.14
N GLY B 27 -24.12 -0.14 8.73
CA GLY B 27 -24.03 -0.19 10.19
C GLY B 27 -25.35 -0.61 10.85
N GLU B 28 -25.65 -0.02 11.99
CA GLU B 28 -26.87 -0.42 12.71
C GLU B 28 -28.14 0.14 12.07
N VAL B 29 -28.48 -0.31 10.87
CA VAL B 29 -29.73 0.05 10.20
C VAL B 29 -30.47 -1.23 9.81
N TYR B 30 -31.75 -1.30 10.21
CA TYR B 30 -32.55 -2.51 10.07
C TYR B 30 -33.75 -2.29 9.21
N GLU B 31 -34.15 -3.35 8.53
CA GLU B 31 -35.46 -3.43 7.91
C GLU B 31 -36.45 -3.59 9.08
N GLY B 32 -37.47 -2.73 9.09
CA GLY B 32 -38.50 -2.80 10.13
C GLY B 32 -39.80 -2.82 9.39
N VAL B 33 -40.88 -3.25 10.05
CA VAL B 33 -42.22 -3.11 9.50
C VAL B 33 -43.01 -2.30 10.46
N TRP B 34 -43.57 -1.19 9.98
CA TRP B 34 -44.44 -0.36 10.74
C TRP B 34 -45.85 -0.90 10.51
N LYS B 35 -46.27 -1.81 11.39
CA LYS B 35 -47.47 -2.68 11.23
C LYS B 35 -48.80 -1.94 11.07
N LYS B 36 -49.03 -0.90 11.86
CA LYS B 36 -50.25 -0.09 11.71
C LYS B 36 -50.51 0.11 10.21
N TYR B 37 -49.43 0.54 9.52
CA TYR B 37 -49.46 0.94 8.10
C TYR B 37 -48.90 -0.11 7.17
N SER B 38 -48.68 -1.33 7.66
CA SER B 38 -48.06 -2.42 6.88
C SER B 38 -46.92 -1.97 5.94
N LEU B 39 -46.15 -0.95 6.39
CA LEU B 39 -45.19 -0.25 5.58
C LEU B 39 -43.82 -0.79 5.92
N THR B 40 -43.01 -1.16 4.94
CA THR B 40 -41.62 -1.47 5.25
C THR B 40 -40.89 -0.16 5.50
N VAL B 41 -40.03 -0.14 6.50
CA VAL B 41 -39.33 1.06 6.87
C VAL B 41 -37.88 0.76 7.18
N ALA B 42 -37.07 1.80 7.21
CA ALA B 42 -35.70 1.59 7.58
C ALA B 42 -35.46 2.20 8.98
N VAL B 43 -34.78 1.48 9.87
CA VAL B 43 -34.59 1.93 11.26
C VAL B 43 -33.11 1.93 11.65
N LYS B 44 -32.59 3.13 11.88
CA LYS B 44 -31.24 3.33 12.42
C LYS B 44 -31.22 3.22 13.95
N THR B 45 -30.36 2.35 14.45
CA THR B 45 -30.25 2.07 15.88
C THR B 45 -28.94 2.59 16.46
N LEU B 46 -28.92 2.72 17.76
CA LEU B 46 -27.70 3.11 18.45
C LEU B 46 -27.39 1.99 19.45
N LYS B 47 -26.18 1.42 19.34
CA LYS B 47 -25.69 0.32 20.24
C LYS B 47 -25.41 0.76 21.72
N GLU B 48 -25.07 -0.23 22.57
CA GLU B 48 -24.72 -0.01 24.01
C GLU B 48 -24.58 1.45 24.41
N THR B 50 -23.28 4.21 22.67
CA THR B 50 -22.38 4.47 23.80
C THR B 50 -21.96 5.94 23.79
N MET B 51 -20.86 6.25 23.10
CA MET B 51 -20.30 7.62 23.02
C MET B 51 -21.09 8.47 22.03
N GLU B 52 -21.63 7.80 21.00
CA GLU B 52 -22.22 8.46 19.82
C GLU B 52 -23.63 9.07 20.02
N VAL B 53 -24.11 9.15 21.26
CA VAL B 53 -25.49 9.58 21.55
C VAL B 53 -25.83 11.04 21.17
N GLU B 54 -24.87 11.95 21.31
CA GLU B 54 -25.18 13.34 21.04
C GLU B 54 -25.22 13.60 19.55
N GLU B 55 -24.48 12.78 18.82
CA GLU B 55 -24.44 12.87 17.38
C GLU B 55 -25.74 12.30 16.84
N PHE B 56 -26.23 11.25 17.50
CA PHE B 56 -27.39 10.53 17.01
C PHE B 56 -28.59 11.44 17.20
N LEU B 57 -28.53 12.19 18.29
CA LEU B 57 -29.55 13.13 18.69
C LEU B 57 -29.55 14.40 17.82
N LYS B 58 -28.37 14.92 17.50
CA LYS B 58 -28.23 16.08 16.60
C LYS B 58 -28.75 15.74 15.19
N GLU B 59 -28.38 14.57 14.65
CA GLU B 59 -28.93 14.04 13.38
C GLU B 59 -30.47 13.92 13.34
N ALA B 60 -31.08 13.40 14.40
CA ALA B 60 -32.55 13.41 14.51
C ALA B 60 -33.17 14.81 14.47
N ALA B 61 -32.53 15.78 15.11
CA ALA B 61 -33.01 17.19 15.11
C ALA B 61 -32.95 17.77 13.71
N VAL B 62 -31.79 17.64 13.08
CA VAL B 62 -31.58 18.03 11.69
C VAL B 62 -32.62 17.48 10.73
N MET B 63 -32.97 16.21 10.85
CA MET B 63 -33.94 15.57 9.95
C MET B 63 -35.37 16.00 10.17
N LYS B 64 -35.61 16.57 11.36
CA LYS B 64 -36.95 17.05 11.67
C LYS B 64 -37.09 18.36 10.92
N GLU B 65 -35.96 18.96 10.58
CA GLU B 65 -35.95 20.28 9.94
C GLU B 65 -35.93 20.22 8.43
N ILE B 66 -36.07 19.00 7.87
CA ILE B 66 -36.02 18.82 6.41
C ILE B 66 -37.16 18.04 5.85
N LYS B 67 -37.73 18.57 4.77
CA LYS B 67 -38.77 17.91 4.08
C LYS B 67 -38.60 18.28 2.62
N HIS B 68 -38.38 17.30 1.75
CA HIS B 68 -38.30 17.53 0.32
C HIS B 68 -38.60 16.23 -0.33
N PRO B 69 -39.20 16.24 -1.53
CA PRO B 69 -39.48 15.00 -2.29
C PRO B 69 -38.29 14.14 -2.71
N ASN B 70 -37.13 14.76 -2.74
CA ASN B 70 -35.92 14.06 -3.03
C ASN B 70 -34.95 14.04 -1.86
N LEU B 71 -35.46 14.19 -0.64
CA LEU B 71 -34.66 13.88 0.53
C LEU B 71 -35.29 12.75 1.30
N VAL B 72 -34.49 11.78 1.79
CA VAL B 72 -35.02 10.57 2.44
C VAL B 72 -35.93 11.08 3.57
N GLN B 73 -37.13 10.49 3.67
CA GLN B 73 -38.24 11.02 4.51
C GLN B 73 -38.20 10.39 5.91
N LEU B 74 -37.90 11.23 6.91
CA LEU B 74 -38.13 10.97 8.32
C LEU B 74 -39.60 10.72 8.62
N LEU B 75 -39.84 9.56 9.25
CA LEU B 75 -41.14 9.04 9.58
C LEU B 75 -41.42 9.05 11.10
N GLY B 76 -40.39 8.87 11.91
CA GLY B 76 -40.52 9.03 13.33
C GLY B 76 -39.19 8.77 14.00
N VAL B 77 -39.13 9.10 15.28
CA VAL B 77 -38.05 8.74 16.18
C VAL B 77 -38.56 8.00 17.44
N CYS B 78 -37.64 7.29 18.09
CA CYS B 78 -37.79 6.76 19.45
C CYS B 78 -36.52 7.19 20.20
N THR B 79 -36.57 8.33 20.85
CA THR B 79 -35.39 8.86 21.53
C THR B 79 -35.63 9.25 23.00
N ARG B 80 -36.64 8.62 23.64
CA ARG B 80 -37.01 8.88 25.05
C ARG B 80 -36.25 7.94 25.98
N GLU B 81 -36.28 6.65 25.62
CA GLU B 81 -35.54 5.57 26.29
C GLU B 81 -34.62 4.85 25.25
N PRO B 82 -33.51 4.23 25.68
CA PRO B 82 -32.76 3.32 24.77
C PRO B 82 -33.53 2.00 24.46
N PRO B 83 -33.25 1.33 23.31
CA PRO B 83 -32.38 1.82 22.20
C PRO B 83 -33.13 2.88 21.36
N PHE B 84 -32.39 3.94 21.06
CA PHE B 84 -32.85 5.02 20.21
C PHE B 84 -33.09 4.59 18.76
N TYR B 85 -34.20 5.04 18.18
CA TYR B 85 -34.53 4.80 16.77
C TYR B 85 -34.68 6.11 16.00
N ILE B 86 -34.10 6.17 14.78
CA ILE B 86 -34.52 7.12 13.73
C ILE B 86 -35.12 6.25 12.64
N ILE B 87 -36.38 6.51 12.32
CA ILE B 87 -37.10 5.75 11.32
C ILE B 87 -37.35 6.57 10.03
N THR B 88 -37.06 5.97 8.88
CA THR B 88 -37.37 6.60 7.59
C THR B 88 -38.11 5.61 6.68
N GLU B 89 -38.62 6.14 5.58
CA GLU B 89 -39.12 5.32 4.52
C GLU B 89 -38.03 4.34 4.07
N PHE B 90 -38.47 3.29 3.42
CA PHE B 90 -37.63 2.31 2.86
C PHE B 90 -37.76 2.53 1.33
N MET B 91 -36.62 2.63 0.65
CA MET B 91 -36.55 2.79 -0.84
C MET B 91 -36.28 1.46 -1.47
N THR B 92 -37.30 0.94 -2.14
CA THR B 92 -37.30 -0.38 -2.81
C THR B 92 -36.03 -0.73 -3.55
N TYR B 93 -35.46 0.18 -4.32
CA TYR B 93 -34.30 -0.22 -5.12
C TYR B 93 -32.92 -0.02 -4.53
N GLY B 94 -32.83 0.35 -3.24
CA GLY B 94 -31.56 0.45 -2.49
C GLY B 94 -30.73 1.65 -2.93
N ASN B 95 -29.40 1.62 -2.75
CA ASN B 95 -28.61 2.84 -3.03
C ASN B 95 -28.33 3.01 -4.50
N LEU B 96 -28.20 4.27 -4.96
CA LEU B 96 -27.99 4.63 -6.34
C LEU B 96 -26.71 4.02 -6.89
N LEU B 97 -25.64 3.95 -6.10
CA LEU B 97 -24.41 3.37 -6.63
C LEU B 97 -24.61 1.96 -7.29
N ASP B 98 -25.08 0.99 -6.49
CA ASP B 98 -25.32 -0.39 -6.86
C ASP B 98 -26.40 -0.46 -7.94
N TYR B 99 -27.37 0.44 -7.86
CA TYR B 99 -28.43 0.47 -8.80
C TYR B 99 -27.96 0.81 -10.23
N LEU B 100 -27.21 1.89 -10.35
CA LEU B 100 -26.46 2.17 -11.59
C LEU B 100 -25.70 0.95 -12.18
N ARG B 101 -24.90 0.26 -11.38
CA ARG B 101 -24.09 -0.89 -11.85
C ARG B 101 -24.91 -2.09 -12.31
N GLU B 102 -26.02 -2.24 -11.64
CA GLU B 102 -26.86 -3.40 -11.76
C GLU B 102 -28.11 -3.23 -12.60
N CYS B 103 -28.38 -2.02 -13.06
CA CYS B 103 -29.59 -1.77 -13.80
C CYS B 103 -29.63 -2.36 -15.23
N ASN B 104 -30.86 -2.44 -15.77
CA ASN B 104 -31.17 -2.62 -17.18
C ASN B 104 -30.86 -1.29 -17.89
N ARG B 105 -29.72 -1.23 -18.56
CA ARG B 105 -29.30 -0.04 -19.25
C ARG B 105 -30.23 0.38 -20.40
N GLN B 106 -31.12 -0.51 -20.80
CA GLN B 106 -32.12 -0.14 -21.84
C GLN B 106 -33.26 0.66 -21.23
N GLU B 107 -33.59 0.34 -19.97
CA GLU B 107 -34.51 1.10 -19.13
C GLU B 107 -33.83 2.36 -18.53
N VAL B 108 -32.67 2.19 -17.89
CA VAL B 108 -31.90 3.33 -17.38
C VAL B 108 -31.01 3.93 -18.47
N ASN B 109 -31.66 4.76 -19.28
CA ASN B 109 -31.04 5.33 -20.46
C ASN B 109 -30.71 6.80 -20.27
N ALA B 110 -30.21 7.45 -21.32
CA ALA B 110 -29.90 8.90 -21.27
C ALA B 110 -30.80 9.86 -20.46
N VAL B 111 -32.11 9.74 -20.65
CA VAL B 111 -33.10 10.68 -20.06
C VAL B 111 -33.31 10.30 -18.60
N VAL B 112 -33.38 8.98 -18.30
CA VAL B 112 -33.40 8.56 -16.91
C VAL B 112 -32.19 9.11 -16.13
N LEU B 113 -31.00 9.00 -16.73
CA LEU B 113 -29.76 9.53 -16.13
C LEU B 113 -29.89 11.00 -15.77
N LEU B 114 -30.45 11.75 -16.69
CA LEU B 114 -30.71 13.17 -16.59
C LEU B 114 -31.77 13.50 -15.54
N TYR B 115 -32.83 12.70 -15.48
CA TYR B 115 -33.85 12.80 -14.44
C TYR B 115 -33.30 12.48 -13.05
N MET B 116 -32.51 11.40 -12.94
CA MET B 116 -31.72 11.16 -11.72
C MET B 116 -30.95 12.39 -11.27
N ALA B 117 -30.17 13.02 -12.17
CA ALA B 117 -29.37 14.21 -11.75
C ALA B 117 -30.20 15.42 -11.35
N THR B 118 -31.30 15.63 -12.08
CA THR B 118 -32.28 16.66 -11.83
C THR B 118 -32.93 16.54 -10.45
N GLN B 119 -33.34 15.33 -10.10
CA GLN B 119 -33.86 15.11 -8.74
C GLN B 119 -32.85 15.33 -7.66
N ILE B 120 -31.61 14.97 -7.89
CA ILE B 120 -30.55 15.24 -6.89
C ILE B 120 -30.27 16.73 -6.74
N SER B 121 -30.07 17.44 -7.86
CA SER B 121 -29.79 18.90 -7.80
C SER B 121 -30.93 19.69 -7.10
N SER B 122 -32.17 19.24 -7.21
CA SER B 122 -33.31 19.88 -6.58
C SER B 122 -33.35 19.71 -5.05
N ALA B 123 -32.93 18.53 -4.59
CA ALA B 123 -32.79 18.23 -3.16
C ALA B 123 -31.68 19.10 -2.72
N MET B 124 -30.61 19.18 -3.50
CA MET B 124 -29.46 19.96 -3.05
C MET B 124 -29.74 21.47 -3.04
N GLU B 125 -30.49 21.96 -4.05
CA GLU B 125 -30.99 23.34 -4.02
C GLU B 125 -31.86 23.69 -2.76
N TYR B 126 -32.78 22.82 -2.40
CA TYR B 126 -33.44 22.87 -1.09
C TYR B 126 -32.45 23.04 0.08
N LEU B 127 -31.38 22.25 0.13
CA LEU B 127 -30.44 22.36 1.28
C LEU B 127 -29.66 23.68 1.25
N GLU B 128 -29.19 24.12 0.10
CA GLU B 128 -28.52 25.42 -0.05
C GLU B 128 -29.40 26.59 0.45
N LYS B 129 -30.69 26.56 0.11
CA LYS B 129 -31.67 27.59 0.42
C LYS B 129 -31.81 27.65 1.97
N LYS B 130 -31.83 26.48 2.60
CA LYS B 130 -31.88 26.32 4.05
C LYS B 130 -30.54 26.49 4.76
N ASN B 131 -29.50 26.85 4.00
CA ASN B 131 -28.13 27.03 4.51
C ASN B 131 -27.57 25.73 5.26
N PHE B 132 -27.99 24.55 4.79
CA PHE B 132 -27.42 23.27 5.26
C PHE B 132 -26.25 22.92 4.34
N ILE B 133 -25.34 22.04 4.78
CA ILE B 133 -24.15 21.55 4.06
C ILE B 133 -24.29 20.02 4.16
N HIS B 134 -24.29 19.28 3.05
CA HIS B 134 -24.39 17.83 3.13
C HIS B 134 -23.06 17.22 3.63
N ARG B 135 -21.95 17.58 2.98
CA ARG B 135 -20.60 17.12 3.28
C ARG B 135 -20.17 15.76 2.76
N ASP B 136 -21.08 14.91 2.31
CA ASP B 136 -20.71 13.59 1.82
C ASP B 136 -21.60 13.15 0.67
N LEU B 137 -21.70 13.99 -0.35
CA LEU B 137 -22.61 13.78 -1.48
C LEU B 137 -21.99 12.78 -2.45
N ALA B 138 -22.73 11.71 -2.80
CA ALA B 138 -22.11 10.65 -3.58
C ALA B 138 -23.20 9.74 -3.96
N ALA B 139 -23.04 8.96 -5.04
CA ALA B 139 -24.04 7.95 -5.38
C ALA B 139 -24.34 7.03 -4.24
N ARG B 140 -23.32 6.70 -3.41
CA ARG B 140 -23.48 5.73 -2.30
C ARG B 140 -24.42 6.29 -1.23
N ASN B 141 -24.66 7.61 -1.27
CA ASN B 141 -25.51 8.24 -0.28
C ASN B 141 -26.90 8.63 -0.78
N CYS B 142 -27.30 8.03 -1.89
CA CYS B 142 -28.58 8.31 -2.58
C CYS B 142 -29.35 7.03 -2.66
N LEU B 143 -30.67 7.17 -2.74
CA LEU B 143 -31.52 6.01 -2.82
C LEU B 143 -32.45 6.06 -3.98
N VAL B 144 -32.87 4.87 -4.42
CA VAL B 144 -33.70 4.73 -5.62
C VAL B 144 -35.01 4.05 -5.23
N GLY B 145 -36.15 4.67 -5.59
CA GLY B 145 -37.44 4.00 -5.51
C GLY B 145 -38.00 3.75 -6.88
N GLU B 146 -39.27 3.37 -6.94
CA GLU B 146 -39.97 3.02 -8.18
C GLU B 146 -40.02 4.22 -9.13
N ASN B 147 -40.01 3.92 -10.42
CA ASN B 147 -39.94 4.93 -11.44
C ASN B 147 -38.74 5.84 -11.44
N HIS B 148 -37.58 5.32 -11.01
CA HIS B 148 -36.35 6.10 -11.04
C HIS B 148 -36.43 7.30 -10.15
N LEU B 149 -37.21 7.18 -9.09
CA LEU B 149 -37.23 8.21 -8.03
C LEU B 149 -35.97 8.07 -7.22
N VAL B 150 -35.30 9.20 -7.04
CA VAL B 150 -34.04 9.24 -6.38
C VAL B 150 -34.11 10.22 -5.22
N LYS B 151 -33.64 9.74 -4.08
CA LYS B 151 -33.49 10.62 -2.89
C LYS B 151 -32.05 10.69 -2.38
N VAL B 152 -31.62 11.88 -2.04
CA VAL B 152 -30.42 12.14 -1.27
C VAL B 152 -30.65 11.78 0.19
N ALA B 153 -29.64 11.12 0.80
CA ALA B 153 -29.61 10.66 2.19
C ALA B 153 -28.21 10.93 2.69
N ASP B 154 -27.93 10.59 3.94
CA ASP B 154 -26.57 10.68 4.52
C ASP B 154 -26.49 9.51 5.47
N PHE B 155 -25.76 8.49 5.03
CA PHE B 155 -25.70 7.24 5.83
C PHE B 155 -24.59 7.21 6.91
N GLY B 156 -23.75 8.22 6.99
CA GLY B 156 -22.70 8.26 8.01
C GLY B 156 -21.71 7.17 7.68
N LEU B 157 -21.31 7.12 6.41
CA LEU B 157 -20.57 5.98 5.88
C LEU B 157 -19.11 6.01 6.22
N SER B 158 -18.58 7.21 6.51
CA SER B 158 -17.12 7.42 6.65
C SER B 158 -16.40 6.43 7.62
N ARG B 159 -17.06 6.09 8.70
CA ARG B 159 -16.51 5.15 9.68
C ARG B 159 -16.75 3.66 9.32
N LEU B 160 -17.91 3.36 8.73
CA LEU B 160 -18.33 1.99 8.36
C LEU B 160 -17.64 1.40 7.11
N MET B 161 -17.55 2.20 6.04
CA MET B 161 -17.26 1.67 4.71
C MET B 161 -15.94 0.89 4.72
N THR B 162 -15.83 -0.08 3.82
CA THR B 162 -14.87 -1.19 3.96
C THR B 162 -13.40 -0.99 3.45
N GLY B 163 -13.20 -0.02 2.54
CA GLY B 163 -11.96 0.09 1.75
C GLY B 163 -11.37 1.48 1.73
N ASP B 164 -10.88 1.90 0.56
CA ASP B 164 -10.24 3.22 0.38
C ASP B 164 -11.16 4.32 -0.25
N THR B 165 -12.48 4.10 -0.21
CA THR B 165 -13.47 5.17 -0.46
C THR B 165 -13.22 6.30 0.52
N TYR B 166 -13.28 6.01 1.81
CA TYR B 166 -12.90 6.95 2.86
C TYR B 166 -11.46 6.69 3.37
N THR B 167 -10.70 7.76 3.45
CA THR B 167 -9.30 7.74 3.84
C THR B 167 -9.12 8.63 5.07
N ALA B 168 -8.16 8.26 5.93
CA ALA B 168 -7.90 8.99 7.16
C ALA B 168 -7.42 10.45 6.91
N HIS B 169 -8.04 11.36 7.64
CA HIS B 169 -7.46 12.67 7.90
C HIS B 169 -7.81 13.11 9.35
N ALA B 170 -6.77 13.09 10.20
CA ALA B 170 -6.83 13.63 11.53
C ALA B 170 -8.14 13.24 12.24
N GLY B 171 -8.29 11.95 12.52
CA GLY B 171 -9.43 11.47 13.32
C GLY B 171 -10.72 11.38 12.54
N ALA B 172 -10.78 12.18 11.45
CA ALA B 172 -11.89 12.15 10.44
C ALA B 172 -11.51 11.36 9.20
N LYS B 173 -12.51 10.74 8.59
CA LYS B 173 -12.26 10.01 7.36
C LYS B 173 -12.91 10.76 6.18
N PHE B 174 -12.15 11.03 5.13
CA PHE B 174 -12.67 11.75 3.98
C PHE B 174 -12.67 10.94 2.70
N PRO B 175 -13.69 11.15 1.82
CA PRO B 175 -13.69 10.49 0.50
C PRO B 175 -12.95 11.40 -0.42
N ILE B 176 -11.64 11.16 -0.50
CA ILE B 176 -10.71 12.04 -1.28
C ILE B 176 -11.22 12.39 -2.66
N LYS B 177 -11.78 11.39 -3.34
CA LYS B 177 -12.15 11.61 -4.73
C LYS B 177 -13.45 12.42 -4.94
N TRP B 178 -14.15 12.73 -3.85
CA TRP B 178 -15.38 13.50 -3.87
C TRP B 178 -15.24 14.87 -3.19
N THR B 179 -14.05 15.13 -2.62
CA THR B 179 -13.67 16.26 -1.76
C THR B 179 -12.97 17.40 -2.47
N ALA B 180 -13.49 18.61 -2.25
CA ALA B 180 -13.08 19.77 -3.00
C ALA B 180 -11.68 20.14 -2.54
N PRO B 181 -10.92 20.79 -3.39
CA PRO B 181 -9.56 21.03 -3.02
C PRO B 181 -9.43 21.82 -1.73
N GLU B 182 -10.31 22.82 -1.52
CA GLU B 182 -10.23 23.73 -0.34
C GLU B 182 -10.61 22.98 0.92
N SER B 183 -11.41 21.94 0.78
CA SER B 183 -11.75 21.04 1.88
C SER B 183 -10.57 20.14 2.20
N LEU B 184 -9.80 19.73 1.18
CA LEU B 184 -8.64 18.90 1.38
C LEU B 184 -7.54 19.76 1.95
N ALA B 185 -7.39 20.97 1.40
CA ALA B 185 -6.28 21.83 1.79
C ALA B 185 -6.47 22.53 3.16
N TYR B 186 -7.67 23.10 3.40
CA TYR B 186 -7.94 23.97 4.53
C TYR B 186 -9.03 23.47 5.42
N ASN B 187 -9.57 22.29 5.13
CA ASN B 187 -10.74 21.74 5.86
C ASN B 187 -12.01 22.64 5.81
N LYS B 188 -12.12 23.44 4.75
CA LYS B 188 -13.27 24.34 4.53
C LYS B 188 -14.37 23.66 3.74
N PHE B 189 -15.46 23.36 4.43
CA PHE B 189 -16.64 22.84 3.83
C PHE B 189 -17.70 23.96 3.63
N SER B 190 -18.55 23.81 2.61
CA SER B 190 -19.56 24.83 2.27
C SER B 190 -20.50 24.13 1.29
N ILE B 191 -21.64 24.73 0.97
CA ILE B 191 -22.47 24.29 -0.13
C ILE B 191 -21.65 24.20 -1.41
N LYS B 192 -20.62 25.02 -1.54
CA LYS B 192 -19.71 24.97 -2.69
C LYS B 192 -18.84 23.70 -2.72
N SER B 193 -18.50 23.14 -1.56
CA SER B 193 -17.80 21.87 -1.58
C SER B 193 -18.75 20.72 -1.92
N ASP B 194 -20.04 20.90 -1.58
CA ASP B 194 -21.14 19.96 -2.02
C ASP B 194 -21.36 19.97 -3.48
N VAL B 195 -21.16 21.13 -4.09
CA VAL B 195 -21.20 21.34 -5.54
C VAL B 195 -20.11 20.60 -6.31
N TRP B 196 -18.83 20.79 -5.94
CA TRP B 196 -17.73 19.88 -6.34
C TRP B 196 -18.12 18.39 -6.29
N ALA B 197 -18.54 17.91 -5.14
CA ALA B 197 -18.97 16.53 -4.95
C ALA B 197 -20.12 16.15 -5.90
N PHE B 198 -21.10 17.05 -6.07
CA PHE B 198 -22.15 16.84 -7.06
C PHE B 198 -21.62 16.60 -8.48
N GLY B 199 -20.59 17.35 -8.90
CA GLY B 199 -19.83 17.12 -10.16
C GLY B 199 -19.42 15.64 -10.22
N VAL B 200 -18.81 15.12 -9.15
CA VAL B 200 -18.33 13.72 -9.18
C VAL B 200 -19.46 12.75 -9.25
N LEU B 201 -20.53 13.08 -8.53
CA LEU B 201 -21.75 12.28 -8.57
C LEU B 201 -22.34 12.24 -9.99
N LEU B 202 -22.30 13.35 -10.73
CA LEU B 202 -22.71 13.32 -12.12
C LEU B 202 -21.88 12.37 -12.97
N TRP B 203 -20.56 12.35 -12.74
CA TRP B 203 -19.66 11.42 -13.38
C TRP B 203 -20.02 9.98 -13.03
N GLU B 204 -20.44 9.72 -11.79
CA GLU B 204 -20.79 8.33 -11.39
C GLU B 204 -22.04 7.90 -12.17
N ILE B 205 -22.96 8.83 -12.27
CA ILE B 205 -24.19 8.55 -12.95
C ILE B 205 -23.87 8.27 -14.37
N ALA B 206 -23.07 9.13 -15.00
CA ALA B 206 -22.82 9.04 -16.44
C ALA B 206 -22.07 7.75 -16.89
N THR B 207 -21.44 7.08 -15.93
CA THR B 207 -20.60 5.94 -16.22
C THR B 207 -21.25 4.75 -15.64
N TYR B 208 -22.51 4.87 -15.17
CA TYR B 208 -23.19 3.78 -14.57
C TYR B 208 -22.45 3.19 -13.35
N GLY B 209 -21.97 4.06 -12.46
CA GLY B 209 -21.40 3.66 -11.16
C GLY B 209 -19.91 3.29 -11.14
N MET B 210 -19.10 3.82 -12.09
CA MET B 210 -17.65 3.70 -12.06
C MET B 210 -17.11 4.50 -10.88
N SER B 211 -15.95 4.04 -10.35
CA SER B 211 -15.16 4.79 -9.42
C SER B 211 -14.40 5.93 -10.13
N PRO B 212 -14.45 7.13 -9.57
CA PRO B 212 -13.83 8.26 -10.21
C PRO B 212 -12.32 8.17 -10.11
N TYR B 213 -11.61 8.95 -10.93
CA TYR B 213 -10.13 8.88 -11.01
C TYR B 213 -9.64 7.46 -10.92
N PRO B 214 -10.10 6.59 -11.83
CA PRO B 214 -9.75 5.15 -11.76
C PRO B 214 -8.25 4.85 -11.75
N GLY B 215 -7.78 4.06 -10.77
CA GLY B 215 -6.40 3.72 -10.66
C GLY B 215 -5.49 4.87 -10.23
N ILE B 216 -5.97 6.11 -10.22
CA ILE B 216 -5.18 7.21 -9.60
C ILE B 216 -4.94 7.06 -8.08
N ASP B 217 -3.68 7.10 -7.61
CA ASP B 217 -3.54 7.03 -6.14
C ASP B 217 -3.95 8.30 -5.49
N LEU B 218 -4.50 8.08 -4.32
CA LEU B 218 -5.07 9.07 -3.48
C LEU B 218 -4.12 10.22 -3.15
N SER B 219 -2.83 9.97 -3.12
CA SER B 219 -2.00 10.98 -2.57
C SER B 219 -1.51 11.88 -3.66
N GLN B 220 -1.93 11.60 -4.92
CA GLN B 220 -1.62 12.49 -6.07
C GLN B 220 -2.83 13.27 -6.60
N VAL B 221 -4.03 12.96 -6.08
CA VAL B 221 -5.27 13.61 -6.50
C VAL B 221 -5.25 15.17 -6.41
N TYR B 222 -4.99 15.69 -5.21
CA TYR B 222 -4.93 17.11 -4.99
C TYR B 222 -3.96 17.77 -5.93
N GLU B 223 -2.78 17.17 -6.03
CA GLU B 223 -1.71 17.61 -6.91
C GLU B 223 -2.19 17.69 -8.33
N LEU B 224 -2.82 16.61 -8.79
CA LEU B 224 -3.40 16.59 -10.14
C LEU B 224 -4.49 17.68 -10.33
N LEU B 225 -5.33 17.89 -9.30
CA LEU B 225 -6.34 18.91 -9.32
C LEU B 225 -5.74 20.32 -9.44
N GLU B 226 -4.72 20.57 -8.61
CA GLU B 226 -4.03 21.86 -8.64
C GLU B 226 -3.42 22.21 -10.03
N LYS B 227 -2.98 21.19 -10.79
CA LYS B 227 -2.52 21.37 -12.20
C LYS B 227 -3.61 21.38 -13.24
N ASP B 228 -4.87 21.43 -12.81
CA ASP B 228 -6.06 21.42 -13.68
C ASP B 228 -6.37 20.13 -14.35
N TYR B 229 -5.97 19.05 -13.74
CA TYR B 229 -6.39 17.78 -14.23
C TYR B 229 -7.84 17.62 -13.83
N ARG B 230 -8.69 17.08 -14.71
CA ARG B 230 -10.06 16.75 -14.34
C ARG B 230 -10.46 15.53 -15.12
N MET B 231 -11.33 14.73 -14.55
CA MET B 231 -11.82 13.55 -15.26
C MET B 231 -12.37 13.96 -16.63
N GLU B 232 -12.20 13.02 -17.57
CA GLU B 232 -12.66 13.14 -18.95
C GLU B 232 -14.21 12.94 -19.04
N ARG B 233 -14.82 13.47 -20.12
CA ARG B 233 -16.24 13.31 -20.40
C ARG B 233 -16.43 11.86 -20.60
N PRO B 234 -17.24 11.21 -19.74
CA PRO B 234 -17.63 9.84 -20.00
C PRO B 234 -18.28 9.66 -21.41
N GLU B 235 -18.17 8.43 -21.93
CA GLU B 235 -18.73 8.01 -23.20
C GLU B 235 -20.20 8.12 -23.12
N GLY B 236 -20.78 8.88 -24.03
CA GLY B 236 -22.24 9.07 -24.06
C GLY B 236 -22.67 10.29 -23.26
N CYS B 237 -21.72 10.98 -22.63
CA CYS B 237 -22.19 11.96 -21.73
C CYS B 237 -22.42 13.24 -22.55
N PRO B 238 -23.63 13.83 -22.42
CA PRO B 238 -23.83 15.04 -23.22
C PRO B 238 -22.84 16.12 -22.85
N GLU B 239 -22.38 16.87 -23.84
CA GLU B 239 -21.46 18.01 -23.66
C GLU B 239 -21.96 18.98 -22.62
N LYS B 240 -23.28 19.17 -22.60
CA LYS B 240 -23.87 20.16 -21.70
C LYS B 240 -23.82 19.65 -20.25
N VAL B 241 -23.92 18.33 -20.10
CA VAL B 241 -23.79 17.72 -18.78
C VAL B 241 -22.33 17.79 -18.30
N TYR B 242 -21.37 17.62 -19.21
CA TYR B 242 -19.97 17.57 -18.85
C TYR B 242 -19.47 18.97 -18.49
N GLU B 243 -19.94 19.94 -19.29
CA GLU B 243 -19.76 21.38 -19.07
C GLU B 243 -20.17 21.80 -17.65
N LEU B 244 -21.33 21.31 -17.25
CA LEU B 244 -21.84 21.32 -15.91
C LEU B 244 -20.93 20.65 -14.87
N MET B 245 -20.44 19.43 -15.14
CA MET B 245 -19.42 18.83 -14.25
C MET B 245 -18.22 19.72 -14.11
N ARG B 246 -17.78 20.28 -15.25
CA ARG B 246 -16.58 21.13 -15.31
C ARG B 246 -16.67 22.39 -14.49
N ALA B 247 -17.89 22.92 -14.34
CA ALA B 247 -18.12 24.16 -13.61
C ALA B 247 -18.23 23.84 -12.12
N CYS B 248 -18.76 22.64 -11.85
CA CYS B 248 -18.75 22.02 -10.47
C CYS B 248 -17.36 21.86 -9.91
N TRP B 249 -16.44 21.53 -10.80
CA TRP B 249 -15.02 21.39 -10.51
C TRP B 249 -14.15 22.65 -10.74
N GLN B 250 -14.70 23.85 -10.73
CA GLN B 250 -13.83 25.02 -10.59
C GLN B 250 -12.98 25.02 -9.31
N TRP B 251 -11.70 25.38 -9.45
CA TRP B 251 -10.77 25.42 -8.35
C TRP B 251 -11.26 26.26 -7.16
N ASN B 252 -11.67 27.52 -7.46
CA ASN B 252 -12.22 28.51 -6.46
C ASN B 252 -13.67 28.21 -6.27
N PRO B 253 -14.10 27.97 -5.01
CA PRO B 253 -15.47 27.62 -4.82
C PRO B 253 -16.47 28.69 -5.34
N SER B 254 -16.13 29.99 -5.21
CA SER B 254 -17.01 31.05 -5.69
C SER B 254 -17.14 31.08 -7.19
N ASP B 255 -16.30 30.35 -7.92
CA ASP B 255 -16.50 30.26 -9.34
C ASP B 255 -17.48 29.16 -9.70
N ARG B 256 -17.94 28.39 -8.72
CA ARG B 256 -18.81 27.22 -9.02
C ARG B 256 -20.28 27.65 -8.99
N PRO B 257 -21.13 27.03 -9.83
CA PRO B 257 -22.51 27.40 -9.87
C PRO B 257 -23.19 27.03 -8.58
N SER B 258 -24.35 27.65 -8.35
CA SER B 258 -25.17 27.38 -7.19
C SER B 258 -25.99 26.12 -7.53
N PHE B 259 -26.52 25.42 -6.52
CA PHE B 259 -27.49 24.37 -6.89
C PHE B 259 -28.84 24.85 -7.59
N ALA B 260 -29.34 26.05 -7.25
CA ALA B 260 -30.42 26.76 -8.05
C ALA B 260 -30.08 26.85 -9.49
N GLU B 261 -28.89 27.38 -9.81
CA GLU B 261 -28.45 27.38 -11.22
C GLU B 261 -28.43 26.00 -11.85
N ILE B 262 -27.75 25.05 -11.15
CA ILE B 262 -27.65 23.65 -11.56
C ILE B 262 -28.99 23.03 -11.80
N HIS B 263 -29.88 23.13 -10.81
CA HIS B 263 -31.23 22.55 -10.98
C HIS B 263 -31.95 23.21 -12.18
N GLN B 264 -31.93 24.54 -12.25
CA GLN B 264 -32.42 25.24 -13.47
C GLN B 264 -31.86 24.60 -14.75
N ALA B 265 -30.53 24.49 -14.86
CA ALA B 265 -29.87 23.91 -16.06
C ALA B 265 -30.43 22.54 -16.40
N PHE B 266 -30.49 21.67 -15.40
CA PHE B 266 -31.00 20.32 -15.63
C PHE B 266 -32.44 20.26 -15.98
N GLU B 267 -33.25 21.08 -15.31
CA GLU B 267 -34.71 21.00 -15.54
C GLU B 267 -34.96 21.31 -17.05
N THR B 268 -34.36 22.35 -17.58
CA THR B 268 -34.46 22.62 -18.99
C THR B 268 -34.22 21.33 -19.82
N MET B 269 -33.04 20.71 -19.67
CA MET B 269 -32.57 19.58 -20.50
C MET B 269 -33.48 18.32 -20.43
N PHE B 270 -34.15 18.13 -19.29
CA PHE B 270 -35.08 17.00 -19.02
C PHE B 270 -36.45 17.23 -19.70
N GLN B 271 -36.64 18.47 -20.15
CA GLN B 271 -37.67 18.83 -21.12
C GLN B 271 -37.23 18.59 -22.61
N ASP C 6 -7.27 -51.44 22.08
CA ASP C 6 -7.68 -50.26 21.27
C ASP C 6 -7.65 -50.62 19.79
N LYS C 7 -8.69 -50.24 19.04
CA LYS C 7 -8.64 -50.31 17.58
C LYS C 7 -7.45 -49.47 17.09
N TRP C 8 -7.33 -48.27 17.65
CA TRP C 8 -6.26 -47.28 17.35
C TRP C 8 -4.83 -47.79 17.49
N GLU C 9 -4.64 -48.76 18.39
CA GLU C 9 -3.33 -49.24 18.83
C GLU C 9 -2.69 -50.08 17.79
N MET C 10 -1.41 -49.89 17.58
CA MET C 10 -0.80 -50.68 16.55
C MET C 10 0.65 -51.09 16.72
N GLU C 11 1.12 -51.85 15.75
CA GLU C 11 2.42 -52.48 15.80
C GLU C 11 3.46 -51.59 15.20
N ARG C 12 4.32 -51.00 16.01
CA ARG C 12 5.30 -50.07 15.48
C ARG C 12 6.16 -50.62 14.34
N THR C 13 6.25 -51.95 14.25
CA THR C 13 6.94 -52.65 13.14
C THR C 13 6.22 -52.47 11.81
N ASP C 14 4.90 -52.33 11.87
CA ASP C 14 4.09 -51.95 10.70
C ASP C 14 4.68 -50.76 9.92
N ILE C 15 5.25 -49.80 10.67
CA ILE C 15 5.76 -48.58 10.10
C ILE C 15 7.26 -48.66 9.85
N THR C 16 7.62 -48.28 8.63
CA THR C 16 8.98 -48.05 8.21
C THR C 16 9.31 -46.55 8.37
N MET C 17 9.95 -46.21 9.49
CA MET C 17 10.33 -44.87 9.81
C MET C 17 11.38 -44.38 8.88
N LYS C 18 11.19 -43.19 8.35
CA LYS C 18 12.23 -42.61 7.50
C LYS C 18 12.72 -41.36 8.20
N HIS C 19 13.20 -40.40 7.43
CA HIS C 19 13.69 -39.12 7.97
C HIS C 19 12.64 -38.26 8.77
N LYS C 20 13.13 -37.56 9.79
CA LYS C 20 12.47 -36.42 10.41
C LYS C 20 11.96 -35.52 9.33
N LEU C 21 10.74 -34.97 9.51
CA LEU C 21 10.15 -34.05 8.53
C LEU C 21 10.61 -32.63 8.80
N GLY C 22 10.53 -31.75 7.79
CA GLY C 22 10.88 -30.34 7.92
C GLY C 22 12.20 -30.00 8.59
N GLY C 23 13.30 -30.60 8.15
CA GLY C 23 14.60 -30.29 8.72
C GLY C 23 14.55 -30.04 10.22
N GLY C 24 13.67 -30.78 10.91
CA GLY C 24 13.55 -30.66 12.36
C GLY C 24 12.53 -29.64 12.89
N GLN C 25 11.85 -28.96 11.98
CA GLN C 25 10.93 -27.85 12.36
C GLN C 25 9.68 -28.25 13.20
N TYR C 26 9.28 -29.53 13.14
CA TYR C 26 8.18 -29.99 13.97
C TYR C 26 8.72 -30.77 15.16
N GLY C 27 10.02 -30.81 15.31
CA GLY C 27 10.56 -31.72 16.31
C GLY C 27 10.61 -33.18 15.87
N GLU C 28 10.26 -34.08 16.78
CA GLU C 28 10.43 -35.50 16.52
C GLU C 28 9.23 -36.06 15.73
N VAL C 29 9.16 -35.70 14.44
CA VAL C 29 8.11 -36.18 13.59
C VAL C 29 8.77 -36.71 12.33
N TYR C 30 8.42 -37.95 12.03
CA TYR C 30 9.05 -38.63 10.92
C TYR C 30 8.06 -38.96 9.83
N GLU C 31 8.55 -38.90 8.59
CA GLU C 31 7.86 -39.55 7.51
C GLU C 31 8.02 -41.06 7.73
N GLY C 32 6.94 -41.80 7.52
CA GLY C 32 6.97 -43.23 7.69
C GLY C 32 6.16 -43.84 6.55
N VAL C 33 6.21 -45.16 6.47
CA VAL C 33 5.38 -45.89 5.53
C VAL C 33 4.72 -46.99 6.33
N TRP C 34 3.42 -46.85 6.53
CA TRP C 34 2.61 -47.87 7.08
C TRP C 34 2.55 -48.99 6.01
N LYS C 35 3.48 -49.97 6.18
CA LYS C 35 3.82 -51.09 5.26
C LYS C 35 2.63 -51.71 4.56
N LYS C 36 1.68 -52.08 5.40
CA LYS C 36 0.43 -52.74 5.06
C LYS C 36 -0.46 -52.12 3.97
N TYR C 37 -0.38 -50.81 3.79
CA TYR C 37 -1.47 -50.06 3.16
C TYR C 37 -0.86 -49.21 2.17
N SER C 38 0.43 -49.44 1.96
CA SER C 38 1.24 -48.61 1.08
C SER C 38 1.05 -47.11 1.35
N LEU C 39 0.77 -46.78 2.60
CA LEU C 39 0.48 -45.45 3.03
C LEU C 39 1.65 -44.69 3.66
N THR C 40 2.04 -43.56 3.04
CA THR C 40 2.99 -42.58 3.64
C THR C 40 2.30 -41.90 4.81
N VAL C 41 2.96 -41.81 5.97
CA VAL C 41 2.33 -41.32 7.18
C VAL C 41 3.27 -40.39 7.88
N ALA C 42 2.74 -39.64 8.85
CA ALA C 42 3.60 -38.81 9.70
C ALA C 42 3.55 -39.39 11.08
N VAL C 43 4.72 -39.54 11.68
CA VAL C 43 4.78 -40.13 13.02
C VAL C 43 5.39 -39.21 14.09
N LYS C 44 4.61 -38.81 15.10
CA LYS C 44 5.13 -38.15 16.30
C LYS C 44 5.70 -39.19 17.31
N THR C 45 6.98 -39.07 17.67
CA THR C 45 7.59 -39.93 18.68
C THR C 45 7.89 -39.24 20.04
N LEU C 46 7.91 -40.06 21.09
CA LEU C 46 8.34 -39.70 22.45
C LEU C 46 9.14 -40.87 23.04
N LYS C 47 10.47 -40.85 22.95
CA LYS C 47 11.30 -41.94 23.55
C LYS C 47 11.30 -42.03 25.14
N GLU C 48 12.41 -42.44 25.73
CA GLU C 48 12.52 -42.58 27.20
C GLU C 48 11.62 -41.64 28.01
N THR C 50 10.10 -39.54 30.24
CA THR C 50 10.05 -38.08 30.14
C THR C 50 8.90 -37.47 30.95
N MET C 51 8.96 -36.14 31.09
CA MET C 51 7.89 -35.34 31.70
C MET C 51 6.69 -35.14 30.75
N GLU C 52 6.90 -35.44 29.44
CA GLU C 52 5.90 -35.14 28.40
C GLU C 52 4.90 -36.29 28.06
N VAL C 53 5.15 -37.50 28.60
CA VAL C 53 4.26 -38.69 28.43
C VAL C 53 2.79 -38.47 28.82
N GLU C 54 2.56 -37.67 29.86
CA GLU C 54 1.21 -37.31 30.26
C GLU C 54 0.58 -36.56 29.10
N GLU C 55 1.27 -35.51 28.67
CA GLU C 55 0.81 -34.58 27.63
C GLU C 55 0.57 -35.27 26.28
N PHE C 56 1.36 -36.32 26.02
CA PHE C 56 1.44 -37.03 24.75
C PHE C 56 0.23 -37.93 24.60
N LEU C 57 -0.16 -38.53 25.72
CA LEU C 57 -1.28 -39.42 25.75
C LEU C 57 -2.58 -38.66 25.79
N LYS C 58 -2.58 -37.42 26.31
CA LYS C 58 -3.84 -36.64 26.28
C LYS C 58 -4.10 -36.06 24.89
N GLU C 59 -3.03 -35.84 24.13
CA GLU C 59 -3.16 -35.44 22.75
C GLU C 59 -3.64 -36.65 21.89
N ALA C 60 -3.05 -37.83 22.10
CA ALA C 60 -3.62 -39.09 21.53
C ALA C 60 -5.12 -39.26 21.78
N ALA C 61 -5.55 -39.08 23.03
CA ALA C 61 -6.96 -39.15 23.40
C ALA C 61 -7.83 -38.07 22.78
N VAL C 62 -7.41 -36.81 22.79
CA VAL C 62 -8.22 -35.77 22.10
C VAL C 62 -8.37 -36.04 20.59
N MET C 63 -7.30 -36.48 19.95
CA MET C 63 -7.31 -36.75 18.50
C MET C 63 -8.18 -37.93 18.11
N LYS C 64 -8.38 -38.84 19.05
CA LYS C 64 -9.31 -39.96 18.94
C LYS C 64 -10.74 -39.45 18.85
N GLU C 65 -10.99 -38.27 19.43
CA GLU C 65 -12.33 -37.67 19.42
C GLU C 65 -12.63 -36.77 18.21
N ILE C 66 -11.62 -36.50 17.37
CA ILE C 66 -11.90 -35.61 16.20
C ILE C 66 -11.85 -36.28 14.84
N LYS C 67 -12.82 -35.94 13.98
CA LYS C 67 -12.87 -36.42 12.58
C LYS C 67 -13.52 -35.34 11.71
N HIS C 68 -12.70 -34.67 10.89
CA HIS C 68 -13.18 -33.63 10.00
C HIS C 68 -12.26 -33.66 8.79
N PRO C 69 -12.81 -33.46 7.57
CA PRO C 69 -11.93 -33.40 6.39
C PRO C 69 -10.80 -32.35 6.44
N ASN C 70 -10.97 -31.30 7.25
CA ASN C 70 -9.97 -30.26 7.30
C ASN C 70 -9.30 -30.20 8.63
N LEU C 71 -9.25 -31.33 9.32
CA LEU C 71 -8.35 -31.53 10.45
C LEU C 71 -7.45 -32.71 10.17
N VAL C 72 -6.17 -32.59 10.53
CA VAL C 72 -5.21 -33.69 10.29
C VAL C 72 -5.71 -35.03 10.95
N GLN C 73 -5.76 -36.10 10.16
CA GLN C 73 -6.42 -37.35 10.54
C GLN C 73 -5.50 -38.23 11.27
N LEU C 74 -5.88 -38.50 12.53
CA LEU C 74 -5.24 -39.53 13.34
C LEU C 74 -5.43 -40.86 12.66
N LEU C 75 -4.33 -41.59 12.48
CA LEU C 75 -4.43 -42.93 11.87
C LEU C 75 -4.25 -44.03 12.90
N GLY C 76 -3.59 -43.74 14.02
CA GLY C 76 -3.19 -44.75 14.93
C GLY C 76 -2.14 -44.29 15.89
N VAL C 77 -2.00 -45.06 16.97
CA VAL C 77 -1.03 -44.76 18.04
C VAL C 77 -0.21 -46.00 18.49
N CYS C 78 0.96 -45.78 19.06
CA CYS C 78 1.70 -46.83 19.79
C CYS C 78 1.94 -46.25 21.17
N THR C 79 1.10 -46.65 22.13
CA THR C 79 1.18 -46.10 23.47
C THR C 79 1.25 -47.19 24.60
N ARG C 80 1.91 -48.33 24.34
CA ARG C 80 1.91 -49.47 25.26
C ARG C 80 3.28 -49.60 25.91
N GLU C 81 4.30 -49.45 25.08
CA GLU C 81 5.68 -49.33 25.50
C GLU C 81 6.36 -48.26 24.64
N PRO C 82 7.37 -47.56 25.19
CA PRO C 82 8.31 -46.73 24.39
C PRO C 82 9.01 -47.48 23.22
N PRO C 83 9.30 -46.78 22.10
CA PRO C 83 8.97 -45.36 21.88
C PRO C 83 7.47 -45.18 21.57
N PHE C 84 6.90 -44.11 22.11
CA PHE C 84 5.50 -43.75 21.84
C PHE C 84 5.34 -43.03 20.49
N TYR C 85 4.32 -43.49 19.75
CA TYR C 85 4.02 -43.02 18.42
C TYR C 85 2.67 -42.40 18.45
N ILE C 86 2.52 -41.33 17.69
CA ILE C 86 1.20 -40.84 17.24
C ILE C 86 1.36 -40.69 15.77
N ILE C 87 0.42 -41.29 15.02
CA ILE C 87 0.53 -41.45 13.58
C ILE C 87 -0.62 -40.77 12.93
N THR C 88 -0.33 -39.88 11.96
CA THR C 88 -1.43 -39.26 11.21
C THR C 88 -1.25 -39.39 9.71
N GLU C 89 -2.24 -38.92 8.96
CA GLU C 89 -2.08 -38.74 7.53
C GLU C 89 -0.88 -37.85 7.16
N PHE C 90 -0.35 -38.03 5.96
CA PHE C 90 0.78 -37.25 5.51
C PHE C 90 0.26 -36.23 4.47
N MET C 91 0.70 -34.97 4.58
CA MET C 91 0.14 -33.88 3.77
C MET C 91 1.24 -33.45 2.85
N THR C 92 1.06 -33.66 1.54
CA THR C 92 2.14 -33.56 0.52
C THR C 92 2.92 -32.27 0.56
N TYR C 93 2.24 -31.15 0.82
CA TYR C 93 2.88 -29.86 0.54
C TYR C 93 3.40 -29.11 1.76
N GLY C 94 3.46 -29.77 2.91
CA GLY C 94 4.02 -29.15 4.09
C GLY C 94 3.17 -28.10 4.75
N ASN C 95 3.77 -27.16 5.47
CA ASN C 95 2.91 -26.26 6.21
C ASN C 95 2.47 -25.08 5.33
N LEU C 96 1.30 -24.53 5.69
CA LEU C 96 0.65 -23.44 5.01
C LEU C 96 1.48 -22.18 4.96
N LEU C 97 2.25 -21.89 6.01
CA LEU C 97 3.12 -20.69 5.97
C LEU C 97 4.18 -20.71 4.84
N ASP C 98 5.04 -21.71 4.82
CA ASP C 98 6.00 -21.88 3.79
C ASP C 98 5.36 -22.11 2.43
N TYR C 99 4.27 -22.85 2.37
CA TYR C 99 3.57 -22.97 1.11
C TYR C 99 3.14 -21.61 0.50
N LEU C 100 2.56 -20.74 1.31
CA LEU C 100 2.16 -19.38 0.85
C LEU C 100 3.37 -18.54 0.37
N ARG C 101 4.51 -18.68 1.06
CA ARG C 101 5.68 -17.87 0.76
C ARG C 101 6.36 -18.36 -0.54
N GLU C 102 6.37 -19.67 -0.75
CA GLU C 102 7.05 -20.30 -1.87
C GLU C 102 6.19 -20.52 -3.12
N CYS C 103 4.91 -20.24 -3.06
CA CYS C 103 4.01 -20.66 -4.11
C CYS C 103 4.11 -19.75 -5.34
N ASN C 104 3.65 -20.29 -6.46
CA ASN C 104 3.33 -19.60 -7.68
C ASN C 104 1.97 -18.93 -7.49
N ARG C 105 1.97 -17.60 -7.52
CA ARG C 105 0.77 -16.83 -7.18
C ARG C 105 -0.30 -16.87 -8.24
N GLN C 106 0.12 -17.12 -9.47
CA GLN C 106 -0.85 -17.30 -10.55
C GLN C 106 -1.74 -18.54 -10.29
N GLU C 107 -1.17 -19.54 -9.65
CA GLU C 107 -1.90 -20.75 -9.29
C GLU C 107 -2.62 -20.57 -7.96
N VAL C 108 -1.90 -20.06 -6.95
CA VAL C 108 -2.48 -19.80 -5.65
C VAL C 108 -2.90 -18.36 -5.65
N ASN C 109 -4.00 -18.13 -6.36
CA ASN C 109 -4.59 -16.81 -6.60
C ASN C 109 -5.74 -16.61 -5.66
N ALA C 110 -6.52 -15.57 -5.90
CA ALA C 110 -7.52 -15.03 -5.02
C ALA C 110 -8.62 -16.00 -4.65
N VAL C 111 -9.11 -16.79 -5.62
CA VAL C 111 -10.02 -17.91 -5.42
C VAL C 111 -9.41 -19.02 -4.52
N VAL C 112 -8.18 -19.43 -4.81
CA VAL C 112 -7.55 -20.34 -3.90
C VAL C 112 -7.45 -19.78 -2.46
N LEU C 113 -6.95 -18.56 -2.30
CA LEU C 113 -6.87 -17.99 -0.93
C LEU C 113 -8.18 -18.08 -0.18
N LEU C 114 -9.26 -17.70 -0.83
CA LEU C 114 -10.61 -17.79 -0.26
C LEU C 114 -11.01 -19.20 0.11
N TYR C 115 -10.69 -20.14 -0.74
CA TYR C 115 -10.95 -21.56 -0.47
C TYR C 115 -10.14 -22.10 0.67
N MET C 116 -8.87 -21.68 0.76
CA MET C 116 -8.03 -21.96 1.94
C MET C 116 -8.65 -21.49 3.27
N ALA C 117 -9.22 -20.30 3.28
CA ALA C 117 -9.88 -19.75 4.47
C ALA C 117 -11.19 -20.49 4.82
N THR C 118 -12.01 -20.73 3.79
CA THR C 118 -13.18 -21.57 3.88
C THR C 118 -12.90 -22.94 4.58
N GLN C 119 -11.94 -23.68 4.10
CA GLN C 119 -11.60 -24.95 4.70
C GLN C 119 -11.17 -24.86 6.13
N ILE C 120 -10.23 -23.95 6.42
CA ILE C 120 -9.81 -23.66 7.82
C ILE C 120 -10.99 -23.28 8.72
N SER C 121 -11.93 -22.47 8.26
CA SER C 121 -13.09 -22.05 9.07
C SER C 121 -14.04 -23.23 9.29
N SER C 122 -14.08 -24.11 8.32
CA SER C 122 -14.92 -25.30 8.42
C SER C 122 -14.35 -26.21 9.49
N ALA C 123 -13.06 -26.48 9.45
CA ALA C 123 -12.41 -27.18 10.61
C ALA C 123 -12.72 -26.53 12.00
N MET C 124 -12.72 -25.20 12.07
CA MET C 124 -12.86 -24.49 13.34
C MET C 124 -14.31 -24.43 13.83
N GLU C 125 -15.24 -24.38 12.89
CA GLU C 125 -16.67 -24.68 13.15
C GLU C 125 -16.91 -26.05 13.79
N TYR C 126 -16.34 -27.07 13.18
CA TYR C 126 -16.28 -28.40 13.80
C TYR C 126 -15.79 -28.42 15.27
N LEU C 127 -14.61 -27.84 15.53
CA LEU C 127 -14.02 -27.71 16.91
C LEU C 127 -14.88 -26.86 17.87
N GLU C 128 -15.46 -25.77 17.36
CA GLU C 128 -16.43 -24.95 18.08
C GLU C 128 -17.64 -25.76 18.56
N LYS C 129 -18.20 -26.58 17.66
CA LYS C 129 -19.39 -27.39 17.90
C LYS C 129 -19.09 -28.49 18.94
N LYS C 130 -17.84 -28.94 18.91
CA LYS C 130 -17.41 -29.96 19.82
C LYS C 130 -16.82 -29.45 21.13
N ASN C 131 -16.90 -28.13 21.37
CA ASN C 131 -16.33 -27.52 22.58
C ASN C 131 -14.83 -27.71 22.86
N PHE C 132 -14.08 -27.97 21.78
CA PHE C 132 -12.62 -27.93 21.82
C PHE C 132 -12.20 -26.49 21.56
N ILE C 133 -11.02 -26.13 22.07
CA ILE C 133 -10.38 -24.83 21.80
C ILE C 133 -9.05 -25.20 21.20
N HIS C 134 -8.64 -24.56 20.11
CA HIS C 134 -7.37 -24.90 19.47
C HIS C 134 -6.21 -24.33 20.31
N ARG C 135 -6.26 -23.05 20.69
CA ARG C 135 -5.21 -22.35 21.52
C ARG C 135 -4.01 -21.80 20.76
N ASP C 136 -3.80 -22.26 19.52
CA ASP C 136 -2.63 -21.88 18.76
C ASP C 136 -2.81 -21.87 17.24
N LEU C 137 -3.91 -21.30 16.82
CA LEU C 137 -4.15 -21.23 15.43
C LEU C 137 -3.22 -20.18 14.76
N ALA C 138 -2.66 -20.55 13.59
CA ALA C 138 -1.75 -19.77 12.85
C ALA C 138 -1.48 -20.57 11.57
N ALA C 139 -1.01 -19.92 10.49
CA ALA C 139 -0.67 -20.65 9.29
C ALA C 139 0.43 -21.68 9.51
N ARG C 140 1.29 -21.48 10.52
CA ARG C 140 2.40 -22.43 10.76
C ARG C 140 1.91 -23.75 11.30
N ASN C 141 0.67 -23.73 11.78
CA ASN C 141 -0.04 -24.92 12.33
C ASN C 141 -1.07 -25.59 11.35
N CYS C 142 -1.01 -25.25 10.05
CA CYS C 142 -1.92 -25.80 9.00
C CYS C 142 -1.06 -26.47 7.95
N LEU C 143 -1.63 -27.49 7.33
CA LEU C 143 -0.88 -28.30 6.32
C LEU C 143 -1.61 -28.25 4.96
N VAL C 144 -0.86 -28.42 3.90
CA VAL C 144 -1.41 -28.34 2.54
C VAL C 144 -1.16 -29.69 1.90
N GLY C 145 -2.18 -30.22 1.26
CA GLY C 145 -2.08 -31.42 0.45
C GLY C 145 -2.32 -31.03 -0.96
N GLU C 146 -2.89 -31.93 -1.74
CA GLU C 146 -2.91 -31.77 -3.19
C GLU C 146 -4.11 -30.92 -3.50
N ASN C 147 -4.05 -30.22 -4.63
CA ASN C 147 -5.15 -29.34 -5.07
C ASN C 147 -5.62 -28.37 -3.98
N HIS C 148 -4.66 -27.79 -3.23
CA HIS C 148 -4.96 -26.74 -2.27
C HIS C 148 -5.83 -27.18 -1.11
N LEU C 149 -5.72 -28.46 -0.76
CA LEU C 149 -6.41 -28.97 0.39
C LEU C 149 -5.64 -28.42 1.58
N VAL C 150 -6.35 -28.01 2.60
CA VAL C 150 -5.74 -27.44 3.78
C VAL C 150 -6.40 -28.05 5.01
N LYS C 151 -5.51 -28.52 5.89
CA LYS C 151 -5.87 -29.13 7.16
C LYS C 151 -5.22 -28.35 8.35
N VAL C 152 -6.01 -28.16 9.40
CA VAL C 152 -5.62 -27.55 10.62
C VAL C 152 -4.95 -28.63 11.45
N ALA C 153 -3.81 -28.29 12.07
CA ALA C 153 -3.10 -29.23 12.90
C ALA C 153 -2.66 -28.45 14.13
N ASP C 154 -1.84 -29.06 14.95
CA ASP C 154 -1.38 -28.41 16.12
C ASP C 154 -0.09 -29.10 16.42
N PHE C 155 1.03 -28.45 16.10
CA PHE C 155 2.31 -29.13 16.15
C PHE C 155 2.98 -28.99 17.48
N GLY C 156 2.37 -28.24 18.41
CA GLY C 156 2.95 -27.97 19.72
C GLY C 156 4.24 -27.22 19.55
N LEU C 157 4.22 -26.15 18.75
CA LEU C 157 5.41 -25.41 18.32
C LEU C 157 6.07 -24.52 19.38
N SER C 158 5.34 -24.22 20.46
CA SER C 158 5.82 -23.29 21.49
C SER C 158 7.02 -23.83 22.28
N ARG C 159 7.20 -25.15 22.23
CA ARG C 159 8.41 -25.84 22.76
C ARG C 159 9.62 -25.68 21.79
N LEU C 160 9.38 -25.91 20.50
CA LEU C 160 10.46 -26.01 19.51
C LEU C 160 11.08 -24.64 19.09
N MET C 161 10.22 -23.84 18.44
CA MET C 161 10.59 -22.77 17.51
C MET C 161 11.86 -22.01 17.89
N THR C 165 8.39 -15.48 17.42
CA THR C 165 7.04 -16.00 17.23
C THR C 165 6.37 -16.26 18.58
N TYR C 166 7.01 -17.04 19.44
CA TYR C 166 6.54 -17.29 20.79
C TYR C 166 7.46 -16.55 21.76
N THR C 167 6.83 -15.82 22.66
CA THR C 167 7.51 -15.06 23.71
C THR C 167 7.23 -15.69 25.04
N ALA C 168 8.27 -15.89 25.80
CA ALA C 168 8.22 -16.44 27.15
C ALA C 168 7.66 -15.35 28.05
N HIS C 169 6.53 -15.62 28.71
CA HIS C 169 6.14 -14.77 29.83
C HIS C 169 5.70 -15.50 31.11
N ALA C 170 6.52 -15.38 32.15
CA ALA C 170 6.29 -15.96 33.48
C ALA C 170 5.80 -17.43 33.45
N GLY C 171 6.59 -18.29 32.81
CA GLY C 171 6.37 -19.74 32.85
C GLY C 171 5.57 -20.21 31.65
N ALA C 172 4.94 -19.25 30.94
CA ALA C 172 4.15 -19.49 29.72
C ALA C 172 4.87 -18.99 28.47
N LYS C 173 4.67 -19.65 27.34
CA LYS C 173 5.12 -19.15 26.06
C LYS C 173 3.90 -18.84 25.22
N PHE C 174 3.84 -17.63 24.67
CA PHE C 174 2.67 -17.21 23.92
C PHE C 174 3.09 -16.59 22.60
N PRO C 175 2.35 -16.85 21.49
CA PRO C 175 2.66 -16.13 20.25
C PRO C 175 1.93 -14.82 20.24
N ILE C 176 2.60 -13.79 20.78
CA ILE C 176 1.89 -12.55 21.12
C ILE C 176 1.03 -12.01 19.97
N LYS C 177 1.51 -12.09 18.73
CA LYS C 177 0.84 -11.44 17.59
C LYS C 177 -0.44 -12.15 17.06
N TRP C 178 -0.68 -13.37 17.55
CA TRP C 178 -1.89 -14.15 17.32
C TRP C 178 -2.74 -14.23 18.55
N THR C 179 -2.24 -13.74 19.71
CA THR C 179 -2.94 -14.00 21.00
C THR C 179 -4.02 -12.91 21.29
N ALA C 180 -5.21 -13.30 21.67
CA ALA C 180 -6.26 -12.34 21.91
C ALA C 180 -5.91 -11.46 23.13
N PRO C 181 -6.35 -10.18 23.16
CA PRO C 181 -6.19 -9.30 24.37
C PRO C 181 -6.47 -10.04 25.70
N GLU C 182 -7.63 -10.69 25.82
CA GLU C 182 -8.01 -11.24 27.10
C GLU C 182 -7.13 -12.41 27.44
N SER C 183 -6.38 -12.91 26.46
CA SER C 183 -5.55 -14.09 26.68
C SER C 183 -4.18 -13.69 27.15
N LEU C 184 -3.71 -12.59 26.60
CA LEU C 184 -2.55 -11.86 27.11
C LEU C 184 -2.72 -11.27 28.53
N ALA C 185 -3.85 -10.63 28.81
CA ALA C 185 -4.07 -9.95 30.10
C ALA C 185 -4.45 -10.93 31.25
N TYR C 186 -5.42 -11.81 30.98
CA TYR C 186 -6.08 -12.64 32.03
C TYR C 186 -5.80 -14.12 31.92
N ASN C 187 -4.95 -14.51 30.97
CA ASN C 187 -4.82 -15.91 30.62
C ASN C 187 -6.13 -16.66 30.20
N LYS C 188 -7.10 -15.93 29.66
CA LYS C 188 -8.35 -16.55 29.25
C LYS C 188 -8.36 -17.07 27.79
N PHE C 189 -8.18 -18.37 27.60
CA PHE C 189 -8.31 -18.99 26.27
C PHE C 189 -9.65 -19.63 26.05
N SER C 190 -10.29 -19.24 24.96
CA SER C 190 -11.57 -19.76 24.59
C SER C 190 -11.67 -19.87 23.06
N ILE C 191 -12.80 -20.35 22.60
CA ILE C 191 -13.10 -20.37 21.19
C ILE C 191 -13.08 -18.97 20.58
N LYS C 192 -13.36 -17.99 21.41
CA LYS C 192 -13.39 -16.61 21.01
C LYS C 192 -11.97 -16.07 20.84
N SER C 193 -10.98 -16.68 21.49
CA SER C 193 -9.62 -16.31 21.26
C SER C 193 -9.07 -17.04 20.02
N ASP C 194 -9.57 -18.26 19.74
CA ASP C 194 -9.36 -18.94 18.45
C ASP C 194 -9.85 -18.10 17.28
N VAL C 195 -10.99 -17.44 17.45
CA VAL C 195 -11.57 -16.54 16.45
C VAL C 195 -10.62 -15.40 16.19
N TRP C 196 -10.16 -14.75 17.25
CA TRP C 196 -9.20 -13.66 17.14
C TRP C 196 -8.01 -14.15 16.35
N ALA C 197 -7.49 -15.31 16.70
CA ALA C 197 -6.32 -15.87 16.01
C ALA C 197 -6.59 -16.14 14.51
N PHE C 198 -7.80 -16.58 14.17
CA PHE C 198 -8.21 -16.89 12.78
C PHE C 198 -8.11 -15.64 11.94
N GLY C 199 -8.52 -14.53 12.53
CA GLY C 199 -8.42 -13.24 11.90
C GLY C 199 -6.97 -12.94 11.53
N VAL C 200 -5.98 -13.33 12.36
CA VAL C 200 -4.58 -13.05 12.03
C VAL C 200 -4.13 -14.03 10.92
N LEU C 201 -4.53 -15.30 11.10
CA LEU C 201 -4.42 -16.31 10.04
C LEU C 201 -4.93 -15.84 8.66
N LEU C 202 -6.12 -15.21 8.59
CA LEU C 202 -6.62 -14.57 7.33
C LEU C 202 -5.65 -13.52 6.76
N TRP C 203 -5.07 -12.72 7.65
CA TRP C 203 -4.10 -11.70 7.27
C TRP C 203 -2.88 -12.40 6.73
N GLU C 204 -2.48 -13.52 7.34
CA GLU C 204 -1.29 -14.27 6.85
C GLU C 204 -1.55 -14.80 5.44
N ILE C 205 -2.74 -15.32 5.23
CA ILE C 205 -3.12 -15.82 3.90
C ILE C 205 -3.11 -14.73 2.84
N ALA C 206 -3.77 -13.60 3.15
CA ALA C 206 -3.94 -12.50 2.21
C ALA C 206 -2.61 -11.88 1.82
N THR C 207 -1.65 -11.99 2.73
CA THR C 207 -0.32 -11.42 2.49
C THR C 207 0.61 -12.51 2.08
N TYR C 208 0.13 -13.74 1.89
CA TYR C 208 0.96 -14.83 1.47
C TYR C 208 2.08 -15.10 2.45
N GLY C 209 1.81 -15.02 3.75
CA GLY C 209 2.82 -15.34 4.73
C GLY C 209 3.77 -14.25 5.21
N MET C 210 3.34 -13.00 5.22
CA MET C 210 4.07 -12.01 6.00
C MET C 210 3.89 -12.28 7.49
N SER C 211 4.89 -11.91 8.28
CA SER C 211 4.73 -11.74 9.71
C SER C 211 3.72 -10.65 10.04
N PRO C 212 2.76 -10.96 10.94
CA PRO C 212 1.76 -9.94 11.29
C PRO C 212 2.41 -8.81 12.09
N TYR C 213 1.79 -7.62 12.11
CA TYR C 213 2.35 -6.39 12.74
C TYR C 213 3.78 -6.25 12.34
N PRO C 214 4.02 -6.27 11.01
CA PRO C 214 5.43 -6.26 10.62
C PRO C 214 6.12 -4.96 11.08
N GLY C 215 7.24 -5.13 11.77
CA GLY C 215 8.08 -4.03 12.22
C GLY C 215 7.68 -3.37 13.51
N ILE C 216 6.63 -3.89 14.14
CA ILE C 216 6.16 -3.48 15.45
C ILE C 216 6.75 -4.30 16.57
N ASP C 217 7.32 -3.66 17.57
CA ASP C 217 7.87 -4.34 18.76
C ASP C 217 6.72 -4.93 19.55
N LEU C 218 6.91 -6.19 19.92
CA LEU C 218 6.01 -7.01 20.70
C LEU C 218 5.58 -6.35 22.02
N SER C 219 6.45 -5.49 22.58
CA SER C 219 6.18 -4.83 23.86
C SER C 219 5.05 -3.84 23.64
N GLN C 220 4.91 -3.41 22.39
CA GLN C 220 3.92 -2.40 22.02
C GLN C 220 2.58 -2.96 21.62
N VAL C 221 2.55 -4.25 21.23
CA VAL C 221 1.33 -4.92 20.70
C VAL C 221 0.07 -4.75 21.52
N TYR C 222 0.05 -5.14 22.79
CA TYR C 222 -1.15 -5.02 23.62
C TYR C 222 -1.65 -3.56 23.79
N GLU C 223 -0.77 -2.69 24.25
CA GLU C 223 -0.98 -1.24 24.26
C GLU C 223 -1.73 -0.72 23.01
N LEU C 224 -1.22 -1.06 21.85
CA LEU C 224 -1.80 -0.60 20.57
C LEU C 224 -3.18 -1.18 20.29
N LEU C 225 -3.39 -2.46 20.58
CA LEU C 225 -4.70 -3.04 20.43
C LEU C 225 -5.72 -2.38 21.36
N GLU C 226 -5.30 -2.20 22.62
CA GLU C 226 -6.14 -1.50 23.59
C GLU C 226 -6.58 -0.13 23.10
N LYS C 227 -5.74 0.54 22.33
CA LYS C 227 -6.02 1.84 21.77
C LYS C 227 -6.60 1.76 20.39
N ASP C 228 -7.18 0.58 20.07
CA ASP C 228 -7.94 0.36 18.82
C ASP C 228 -7.07 0.25 17.56
N TYR C 229 -5.75 0.22 17.69
CA TYR C 229 -4.94 -0.08 16.53
C TYR C 229 -5.29 -1.48 16.02
N ARG C 230 -5.41 -1.60 14.70
CA ARG C 230 -5.58 -2.87 14.00
C ARG C 230 -4.74 -2.76 12.70
N MET C 231 -4.19 -3.90 12.30
CA MET C 231 -3.54 -4.08 11.01
C MET C 231 -4.46 -3.64 9.91
N GLU C 232 -3.91 -2.97 8.94
CA GLU C 232 -4.66 -2.43 7.88
C GLU C 232 -4.86 -3.49 6.82
N ARG C 233 -5.81 -3.24 5.91
CA ARG C 233 -6.16 -4.14 4.81
C ARG C 233 -4.96 -4.47 3.96
N PRO C 234 -4.58 -5.77 3.85
CA PRO C 234 -3.44 -6.01 2.90
C PRO C 234 -3.86 -5.69 1.46
N GLU C 235 -2.85 -5.35 0.63
CA GLU C 235 -3.07 -5.12 -0.81
C GLU C 235 -3.70 -6.32 -1.50
N GLY C 236 -4.81 -6.02 -2.17
CA GLY C 236 -5.61 -6.99 -2.90
C GLY C 236 -6.65 -7.77 -2.13
N CYS C 237 -6.77 -7.51 -0.80
CA CYS C 237 -7.62 -8.30 0.08
C CYS C 237 -9.03 -7.83 -0.15
N PRO C 238 -9.99 -8.75 -0.50
CA PRO C 238 -11.35 -8.28 -0.66
C PRO C 238 -11.79 -7.60 0.57
N GLU C 239 -12.68 -6.62 0.42
CA GLU C 239 -13.14 -5.77 1.52
C GLU C 239 -13.98 -6.58 2.46
N LYS C 240 -14.61 -7.63 1.94
CA LYS C 240 -15.48 -8.40 2.81
C LYS C 240 -14.64 -9.38 3.63
N VAL C 241 -13.54 -9.87 3.10
CA VAL C 241 -12.56 -10.66 3.89
C VAL C 241 -11.92 -9.81 5.00
N TYR C 242 -11.51 -8.58 4.70
CA TYR C 242 -11.07 -7.63 5.72
C TYR C 242 -12.11 -7.29 6.78
N GLU C 243 -13.34 -7.08 6.34
CA GLU C 243 -14.44 -6.85 7.25
C GLU C 243 -14.49 -7.92 8.29
N LEU C 244 -14.36 -9.17 7.85
CA LEU C 244 -14.39 -10.36 8.72
C LEU C 244 -13.21 -10.44 9.62
N MET C 245 -12.03 -10.06 9.12
CA MET C 245 -10.79 -10.03 9.93
C MET C 245 -11.02 -9.15 11.12
N ARG C 246 -11.58 -7.97 10.83
CA ARG C 246 -11.89 -6.94 11.85
C ARG C 246 -12.90 -7.41 12.85
N ALA C 247 -13.91 -8.11 12.40
CA ALA C 247 -14.89 -8.68 13.30
C ALA C 247 -14.16 -9.64 14.24
N CYS C 248 -13.18 -10.38 13.73
CA CYS C 248 -12.45 -11.33 14.55
C CYS C 248 -11.60 -10.63 15.59
N TRP C 249 -11.22 -9.38 15.33
CA TRP C 249 -10.37 -8.60 16.24
C TRP C 249 -11.18 -7.56 17.08
N GLN C 250 -12.49 -7.81 17.29
CA GLN C 250 -13.26 -7.02 18.25
C GLN C 250 -12.64 -7.18 19.62
N TRP C 251 -12.51 -6.05 20.33
CA TRP C 251 -11.93 -6.10 21.66
C TRP C 251 -12.58 -7.06 22.65
N ASN C 252 -13.90 -7.08 22.67
CA ASN C 252 -14.68 -7.97 23.58
C ASN C 252 -14.92 -9.33 22.85
N PRO C 253 -14.49 -10.44 23.47
CA PRO C 253 -14.59 -11.76 22.87
C PRO C 253 -16.00 -12.07 22.48
N SER C 254 -16.95 -11.63 23.29
CA SER C 254 -18.32 -12.04 23.07
C SER C 254 -18.93 -11.34 21.84
N ASP C 255 -18.29 -10.26 21.36
CA ASP C 255 -18.67 -9.58 20.11
C ASP C 255 -18.06 -10.15 18.81
N ARG C 256 -17.20 -11.17 18.94
CA ARG C 256 -16.49 -11.70 17.79
C ARG C 256 -17.47 -12.69 17.17
N PRO C 257 -17.50 -12.81 15.83
CA PRO C 257 -18.42 -13.83 15.28
C PRO C 257 -17.98 -15.22 15.74
N SER C 258 -18.88 -16.18 15.57
CA SER C 258 -18.62 -17.55 15.87
C SER C 258 -17.98 -18.10 14.60
N PHE C 259 -17.29 -19.21 14.72
CA PHE C 259 -16.82 -19.90 13.51
C PHE C 259 -17.93 -20.38 12.58
N ALA C 260 -19.03 -20.86 13.15
CA ALA C 260 -20.28 -21.07 12.33
C ALA C 260 -20.63 -19.89 11.40
N GLU C 261 -20.71 -18.67 11.95
CA GLU C 261 -21.00 -17.47 11.14
C GLU C 261 -19.89 -17.21 10.14
N ILE C 262 -18.64 -17.35 10.61
CA ILE C 262 -17.49 -17.11 9.75
C ILE C 262 -17.52 -18.06 8.56
N HIS C 263 -17.70 -19.35 8.83
CA HIS C 263 -17.73 -20.33 7.73
C HIS C 263 -18.87 -20.03 6.75
N GLN C 264 -20.07 -19.70 7.30
CA GLN C 264 -21.21 -19.28 6.45
C GLN C 264 -20.78 -18.07 5.58
N ALA C 265 -20.29 -17.01 6.22
CA ALA C 265 -19.83 -15.86 5.45
C ALA C 265 -18.86 -16.32 4.32
N PHE C 266 -17.86 -17.14 4.63
CA PHE C 266 -16.94 -17.64 3.58
C PHE C 266 -17.60 -18.47 2.50
N GLU C 267 -18.57 -19.30 2.87
CA GLU C 267 -19.31 -20.15 1.92
C GLU C 267 -20.21 -19.36 0.95
N THR C 268 -21.00 -18.42 1.47
CA THR C 268 -21.70 -17.47 0.61
C THR C 268 -20.70 -16.84 -0.36
N MET C 269 -19.64 -16.26 0.19
CA MET C 269 -18.56 -15.62 -0.57
C MET C 269 -17.94 -16.52 -1.63
N PHE C 270 -17.70 -17.78 -1.25
CA PHE C 270 -16.91 -18.75 -2.06
C PHE C 270 -17.71 -19.43 -3.20
N GLN C 271 -19.00 -19.10 -3.28
CA GLN C 271 -19.77 -19.38 -4.49
C GLN C 271 -19.68 -18.17 -5.43
N ASP D 6 30.25 -17.52 -45.64
CA ASP D 6 29.63 -16.74 -44.52
C ASP D 6 29.55 -17.54 -43.20
N LYS D 7 30.00 -16.95 -42.10
CA LYS D 7 29.98 -17.63 -40.78
C LYS D 7 28.56 -17.91 -40.18
N TRP D 8 27.60 -17.03 -40.45
CA TRP D 8 26.28 -17.14 -39.87
C TRP D 8 25.40 -18.20 -40.52
N GLU D 9 25.44 -18.32 -41.85
CA GLU D 9 24.54 -19.19 -42.59
C GLU D 9 24.77 -20.68 -42.29
N MET D 10 23.69 -21.41 -42.03
CA MET D 10 23.83 -22.82 -41.63
C MET D 10 22.85 -23.81 -42.30
N GLU D 11 22.94 -25.08 -41.89
CA GLU D 11 22.22 -26.12 -42.59
C GLU D 11 20.85 -26.47 -41.99
N ARG D 12 19.78 -26.02 -42.66
CA ARG D 12 18.39 -26.27 -42.25
C ARG D 12 18.21 -27.68 -41.71
N THR D 13 18.94 -28.60 -42.32
CA THR D 13 18.86 -30.03 -42.04
C THR D 13 19.58 -30.40 -40.72
N ASP D 14 20.41 -29.48 -40.22
CA ASP D 14 21.09 -29.63 -38.93
C ASP D 14 20.11 -29.29 -37.83
N ILE D 15 18.95 -28.76 -38.24
CA ILE D 15 17.92 -28.30 -37.32
C ILE D 15 16.57 -29.04 -37.43
N THR D 16 16.30 -29.84 -36.39
CA THR D 16 15.03 -30.49 -36.19
C THR D 16 14.02 -29.49 -35.69
N MET D 17 12.93 -29.28 -36.42
CA MET D 17 11.96 -28.25 -36.11
C MET D 17 10.85 -28.89 -35.37
N LYS D 18 10.48 -28.27 -34.25
CA LYS D 18 9.41 -28.81 -33.44
C LYS D 18 8.23 -27.84 -33.41
N HIS D 19 7.57 -27.76 -32.26
CA HIS D 19 6.38 -26.94 -32.07
C HIS D 19 6.70 -25.45 -32.09
N LYS D 20 5.66 -24.64 -32.28
CA LYS D 20 5.73 -23.20 -32.02
C LYS D 20 6.02 -23.01 -30.54
N LEU D 21 6.81 -22.00 -30.19
CA LEU D 21 7.21 -21.78 -28.78
C LEU D 21 6.14 -20.99 -28.06
N GLY D 22 5.94 -21.30 -26.78
CA GLY D 22 4.91 -20.65 -25.92
C GLY D 22 3.54 -20.47 -26.57
N GLY D 23 3.05 -21.51 -27.23
CA GLY D 23 1.71 -21.57 -27.76
C GLY D 23 1.35 -20.56 -28.81
N GLY D 24 2.34 -20.07 -29.57
CA GLY D 24 2.11 -19.12 -30.68
C GLY D 24 2.21 -17.68 -30.19
N GLN D 25 2.55 -17.52 -28.91
CA GLN D 25 2.80 -16.24 -28.19
C GLN D 25 3.79 -15.30 -28.94
N TYR D 26 4.72 -15.91 -29.67
CA TYR D 26 5.86 -15.21 -30.29
C TYR D 26 5.72 -15.12 -31.80
N GLY D 27 4.63 -15.65 -32.30
CA GLY D 27 4.39 -15.74 -33.73
C GLY D 27 5.00 -17.04 -34.24
N GLU D 28 5.64 -16.90 -35.39
CA GLU D 28 6.29 -18.01 -36.08
C GLU D 28 7.67 -18.28 -35.47
N VAL D 29 7.69 -18.87 -34.27
CA VAL D 29 8.95 -19.14 -33.58
C VAL D 29 8.77 -20.48 -32.93
N TYR D 30 9.72 -21.37 -33.25
CA TYR D 30 9.60 -22.80 -33.01
C TYR D 30 10.74 -23.16 -32.13
N GLU D 31 10.53 -24.15 -31.27
CA GLU D 31 11.61 -24.83 -30.59
C GLU D 31 12.25 -25.75 -31.60
N GLY D 32 13.58 -25.75 -31.64
CA GLY D 32 14.32 -26.48 -32.67
C GLY D 32 15.46 -27.24 -32.03
N VAL D 33 16.14 -28.07 -32.81
CA VAL D 33 17.32 -28.79 -32.29
C VAL D 33 18.47 -28.61 -33.29
N TRP D 34 19.55 -28.02 -32.80
CA TRP D 34 20.79 -28.04 -33.54
C TRP D 34 21.38 -29.40 -33.23
N LYS D 35 21.29 -30.26 -34.26
CA LYS D 35 21.64 -31.70 -34.14
C LYS D 35 23.14 -31.90 -33.89
N LYS D 36 23.99 -31.22 -34.69
CA LYS D 36 25.41 -31.17 -34.39
C LYS D 36 25.57 -31.27 -32.89
N TYR D 37 25.10 -30.21 -32.22
CA TYR D 37 25.44 -29.96 -30.82
C TYR D 37 24.43 -30.50 -29.81
N SER D 38 23.31 -31.08 -30.26
CA SER D 38 22.27 -31.57 -29.33
C SER D 38 21.64 -30.39 -28.53
N LEU D 39 21.46 -29.27 -29.24
CA LEU D 39 21.14 -27.99 -28.62
C LEU D 39 19.73 -27.54 -28.96
N THR D 40 18.90 -27.37 -27.94
CA THR D 40 17.65 -26.59 -28.08
C THR D 40 18.00 -25.13 -28.41
N VAL D 41 17.35 -24.65 -29.46
CA VAL D 41 17.57 -23.33 -29.99
C VAL D 41 16.16 -22.81 -30.27
N ALA D 42 16.10 -21.56 -30.72
CA ALA D 42 14.83 -20.93 -30.99
C ALA D 42 14.96 -20.47 -32.39
N VAL D 43 13.92 -20.74 -33.17
CA VAL D 43 13.98 -20.51 -34.59
C VAL D 43 12.90 -19.59 -35.10
N LYS D 44 13.26 -18.40 -35.50
CA LYS D 44 12.32 -17.51 -36.12
C LYS D 44 12.20 -17.82 -37.63
N THR D 45 10.96 -18.14 -38.05
CA THR D 45 10.61 -18.33 -39.45
C THR D 45 9.75 -17.18 -40.02
N LEU D 46 9.26 -17.39 -41.24
CA LEU D 46 8.54 -16.42 -42.06
C LEU D 46 7.40 -17.18 -42.76
N LYS D 47 6.14 -16.73 -42.67
CA LYS D 47 4.99 -17.35 -43.41
C LYS D 47 5.05 -17.24 -44.95
N GLU D 48 4.53 -18.26 -45.65
CA GLU D 48 4.68 -18.39 -47.13
C GLU D 48 4.24 -17.19 -48.01
N MET D 51 5.22 -11.18 -47.01
CA MET D 51 5.49 -9.88 -47.63
C MET D 51 6.39 -8.99 -46.77
N GLU D 52 7.08 -9.62 -45.80
CA GLU D 52 7.98 -8.92 -44.86
C GLU D 52 9.44 -9.46 -44.80
N VAL D 53 9.94 -9.95 -45.94
CA VAL D 53 11.32 -10.42 -46.11
C VAL D 53 12.36 -9.30 -45.98
N GLU D 54 12.14 -8.18 -46.67
CA GLU D 54 12.96 -6.98 -46.55
C GLU D 54 13.25 -6.69 -45.07
N GLU D 55 12.21 -6.81 -44.24
CA GLU D 55 12.26 -6.49 -42.81
C GLU D 55 12.91 -7.58 -42.00
N PHE D 56 12.63 -8.85 -42.37
CA PHE D 56 13.22 -10.04 -41.76
C PHE D 56 14.74 -10.11 -41.90
N LEU D 57 15.25 -9.71 -43.07
CA LEU D 57 16.67 -9.71 -43.39
C LEU D 57 17.44 -8.61 -42.69
N LYS D 58 16.82 -7.42 -42.57
CA LYS D 58 17.39 -6.35 -41.79
C LYS D 58 17.56 -6.81 -40.34
N GLU D 59 16.54 -7.50 -39.81
CA GLU D 59 16.60 -8.08 -38.45
C GLU D 59 17.82 -9.00 -38.26
N ALA D 60 17.95 -10.02 -39.10
CA ALA D 60 19.17 -10.85 -39.16
C ALA D 60 20.46 -9.98 -39.17
N ALA D 61 20.48 -8.99 -40.06
CA ALA D 61 21.64 -8.15 -40.27
C ALA D 61 22.09 -7.34 -39.03
N VAL D 62 21.11 -6.81 -38.28
CA VAL D 62 21.37 -6.07 -37.03
C VAL D 62 21.89 -7.01 -35.93
N MET D 63 21.32 -8.20 -35.87
CA MET D 63 21.67 -9.16 -34.86
C MET D 63 23.05 -9.74 -35.11
N LYS D 64 23.48 -9.66 -36.37
CA LYS D 64 24.87 -10.00 -36.79
C LYS D 64 25.88 -9.04 -36.18
N GLU D 65 25.52 -7.75 -36.11
CA GLU D 65 26.29 -6.67 -35.43
C GLU D 65 26.22 -6.64 -33.88
N ILE D 66 25.19 -7.19 -33.24
CA ILE D 66 25.17 -7.04 -31.78
C ILE D 66 25.58 -8.30 -31.07
N LYS D 67 26.44 -8.15 -30.05
CA LYS D 67 26.77 -9.25 -29.17
C LYS D 67 27.05 -8.73 -27.75
N HIS D 68 26.46 -9.35 -26.73
CA HIS D 68 26.59 -8.91 -25.35
C HIS D 68 26.03 -10.06 -24.51
N PRO D 69 26.60 -10.36 -23.32
CA PRO D 69 26.05 -11.43 -22.41
C PRO D 69 24.54 -11.34 -21.99
N ASN D 70 23.96 -10.14 -22.15
CA ASN D 70 22.57 -9.93 -21.77
C ASN D 70 21.77 -9.45 -22.93
N LEU D 71 22.28 -9.81 -24.12
CA LEU D 71 21.44 -9.74 -25.31
C LEU D 71 21.26 -11.15 -25.87
N VAL D 72 20.07 -11.48 -26.35
CA VAL D 72 19.81 -12.87 -26.75
C VAL D 72 20.78 -13.24 -27.95
N GLN D 73 21.57 -14.29 -27.76
CA GLN D 73 22.65 -14.63 -28.68
C GLN D 73 22.14 -15.23 -29.98
N LEU D 74 22.37 -14.48 -31.05
CA LEU D 74 22.23 -14.99 -32.42
C LEU D 74 23.21 -16.13 -32.68
N LEU D 75 22.68 -17.31 -33.07
CA LEU D 75 23.47 -18.50 -33.36
C LEU D 75 23.75 -18.73 -34.87
N GLY D 76 22.76 -18.41 -35.71
CA GLY D 76 22.81 -18.64 -37.13
C GLY D 76 21.58 -18.18 -37.89
N VAL D 77 21.69 -18.18 -39.21
CA VAL D 77 20.56 -17.84 -40.11
C VAL D 77 20.39 -18.80 -41.29
N CYS D 78 19.25 -18.66 -41.99
CA CYS D 78 18.97 -19.28 -43.28
C CYS D 78 18.27 -18.28 -44.19
N THR D 79 19.07 -17.53 -44.96
CA THR D 79 18.58 -16.53 -45.89
C THR D 79 18.82 -16.82 -47.41
N ARG D 80 19.09 -18.09 -47.74
CA ARG D 80 19.49 -18.48 -49.12
C ARG D 80 18.36 -19.13 -49.94
N GLU D 81 17.56 -19.97 -49.30
CA GLU D 81 16.34 -20.48 -49.91
C GLU D 81 15.23 -20.53 -48.84
N PRO D 82 14.03 -20.06 -49.19
CA PRO D 82 12.88 -20.25 -48.28
C PRO D 82 12.65 -21.74 -47.94
N PRO D 83 12.42 -22.07 -46.65
CA PRO D 83 12.14 -21.16 -45.52
C PRO D 83 13.33 -20.38 -44.99
N PHE D 84 13.09 -19.11 -44.65
CA PHE D 84 14.04 -18.28 -43.88
C PHE D 84 14.00 -18.60 -42.38
N TYR D 85 15.17 -18.63 -41.77
CA TYR D 85 15.33 -18.90 -40.34
C TYR D 85 16.19 -17.83 -39.75
N ILE D 86 15.91 -17.46 -38.51
CA ILE D 86 16.93 -16.82 -37.62
C ILE D 86 16.95 -17.71 -36.42
N ILE D 87 18.14 -18.02 -35.92
CA ILE D 87 18.26 -19.03 -34.88
C ILE D 87 19.01 -18.45 -33.71
N THR D 88 18.36 -18.49 -32.54
CA THR D 88 19.01 -18.03 -31.30
C THR D 88 19.04 -19.17 -30.36
N GLU D 89 19.87 -19.02 -29.34
CA GLU D 89 19.75 -19.70 -28.11
C GLU D 89 18.30 -19.68 -27.54
N PHE D 90 18.00 -20.70 -26.76
CA PHE D 90 16.71 -20.93 -26.23
C PHE D 90 16.90 -20.68 -24.75
N MET D 91 16.06 -19.85 -24.15
CA MET D 91 16.25 -19.50 -22.73
C MET D 91 15.35 -20.33 -21.88
N THR D 92 15.94 -21.12 -21.00
CA THR D 92 15.21 -22.16 -20.26
C THR D 92 13.95 -21.68 -19.56
N TYR D 93 13.95 -20.47 -18.98
CA TYR D 93 12.78 -20.12 -18.17
C TYR D 93 11.75 -19.23 -18.90
N GLY D 94 12.02 -18.88 -20.16
CA GLY D 94 11.02 -18.16 -20.95
C GLY D 94 11.04 -16.67 -20.70
N ASN D 95 9.96 -15.97 -21.05
CA ASN D 95 9.94 -14.52 -20.90
C ASN D 95 9.85 -14.07 -19.41
N LEU D 96 10.54 -12.97 -19.09
CA LEU D 96 10.64 -12.51 -17.73
C LEU D 96 9.29 -12.10 -17.11
N LEU D 97 8.31 -11.68 -17.90
CA LEU D 97 7.04 -11.29 -17.35
C LEU D 97 6.33 -12.47 -16.64
N ASP D 98 6.24 -13.60 -17.32
CA ASP D 98 5.57 -14.74 -16.76
C ASP D 98 6.42 -15.31 -15.68
N TYR D 99 7.71 -15.15 -15.83
CA TYR D 99 8.63 -15.63 -14.81
C TYR D 99 8.39 -14.90 -13.45
N LEU D 100 8.40 -13.58 -13.43
CA LEU D 100 8.10 -12.84 -12.21
C LEU D 100 6.72 -13.19 -11.60
N ARG D 101 5.71 -13.39 -12.45
CA ARG D 101 4.37 -13.66 -11.99
C ARG D 101 4.28 -15.00 -11.31
N GLU D 102 4.97 -15.97 -11.91
CA GLU D 102 4.92 -17.37 -11.48
C GLU D 102 5.97 -17.86 -10.52
N CYS D 103 6.94 -17.02 -10.23
CA CYS D 103 8.05 -17.40 -9.39
C CYS D 103 7.77 -17.68 -7.88
N ASN D 104 8.69 -18.43 -7.29
CA ASN D 104 8.88 -18.47 -5.88
C ASN D 104 9.64 -17.22 -5.42
N ARG D 105 8.93 -16.30 -4.76
CA ARG D 105 9.54 -15.01 -4.35
C ARG D 105 10.59 -15.17 -3.26
N GLN D 106 10.59 -16.32 -2.58
CA GLN D 106 11.58 -16.54 -1.53
C GLN D 106 12.90 -16.69 -2.24
N GLU D 107 12.86 -17.35 -3.39
CA GLU D 107 14.01 -17.53 -4.23
C GLU D 107 14.32 -16.35 -5.17
N VAL D 108 13.28 -15.83 -5.87
CA VAL D 108 13.39 -14.58 -6.62
C VAL D 108 13.11 -13.44 -5.64
N ASN D 109 14.16 -13.08 -4.91
CA ASN D 109 14.04 -12.14 -3.82
C ASN D 109 14.62 -10.78 -4.20
N ALA D 110 14.70 -9.88 -3.21
CA ALA D 110 15.22 -8.56 -3.38
C ALA D 110 16.55 -8.53 -4.13
N VAL D 111 17.53 -9.35 -3.73
CA VAL D 111 18.83 -9.35 -4.44
C VAL D 111 18.75 -9.83 -5.89
N VAL D 112 17.92 -10.85 -6.14
CA VAL D 112 17.73 -11.33 -7.49
C VAL D 112 17.11 -10.22 -8.38
N LEU D 113 16.12 -9.47 -7.89
CA LEU D 113 15.42 -8.41 -8.69
C LEU D 113 16.37 -7.32 -9.11
N LEU D 114 17.24 -6.94 -8.19
CA LEU D 114 18.31 -6.00 -8.45
C LEU D 114 19.32 -6.56 -9.46
N TYR D 115 19.58 -7.84 -9.36
CA TYR D 115 20.47 -8.44 -10.28
C TYR D 115 19.89 -8.52 -11.65
N MET D 116 18.58 -8.78 -11.74
CA MET D 116 17.84 -8.68 -13.00
C MET D 116 17.89 -7.29 -13.62
N ALA D 117 17.73 -6.24 -12.83
CA ALA D 117 17.77 -4.88 -13.37
C ALA D 117 19.14 -4.47 -13.82
N THR D 118 20.14 -4.80 -12.98
CA THR D 118 21.57 -4.71 -13.35
C THR D 118 21.89 -5.39 -14.68
N GLN D 119 21.47 -6.61 -14.91
CA GLN D 119 21.74 -7.24 -16.22
C GLN D 119 21.04 -6.56 -17.41
N ILE D 120 19.85 -6.02 -17.17
CA ILE D 120 19.12 -5.38 -18.24
C ILE D 120 19.76 -4.06 -18.58
N SER D 121 20.12 -3.30 -17.54
CA SER D 121 20.79 -1.98 -17.77
C SER D 121 22.17 -2.16 -18.46
N SER D 122 22.81 -3.29 -18.20
CA SER D 122 24.03 -3.65 -18.93
C SER D 122 23.83 -3.90 -20.43
N ALA D 123 22.88 -4.73 -20.83
CA ALA D 123 22.51 -4.84 -22.22
C ALA D 123 22.19 -3.51 -22.87
N MET D 124 21.56 -2.63 -22.11
CA MET D 124 21.07 -1.35 -22.64
C MET D 124 22.19 -0.28 -22.72
N GLU D 125 23.16 -0.32 -21.82
CA GLU D 125 24.38 0.44 -22.04
C GLU D 125 25.10 0.02 -23.31
N TYR D 126 25.13 -1.26 -23.57
CA TYR D 126 25.81 -1.72 -24.72
C TYR D 126 25.13 -1.12 -25.96
N LEU D 127 23.81 -1.23 -26.03
CA LEU D 127 23.04 -0.73 -27.17
C LEU D 127 23.21 0.76 -27.38
N GLU D 128 23.25 1.50 -26.28
CA GLU D 128 23.52 2.94 -26.21
C GLU D 128 24.92 3.23 -26.82
N LYS D 129 25.98 2.66 -26.22
CA LYS D 129 27.32 2.63 -26.86
C LYS D 129 27.30 2.40 -28.37
N LYS D 130 26.66 1.35 -28.84
CA LYS D 130 26.63 1.06 -30.28
C LYS D 130 25.66 1.91 -31.13
N ASN D 131 25.03 2.93 -30.55
CA ASN D 131 23.97 3.69 -31.25
C ASN D 131 22.73 2.94 -31.75
N PHE D 132 22.35 1.88 -31.04
CA PHE D 132 21.10 1.20 -31.34
C PHE D 132 20.00 1.73 -30.43
N ILE D 133 18.78 1.58 -30.90
CA ILE D 133 17.59 1.86 -30.10
C ILE D 133 16.79 0.58 -30.03
N HIS D 134 16.36 0.24 -28.83
CA HIS D 134 15.47 -0.88 -28.66
C HIS D 134 14.05 -0.62 -29.22
N ARG D 135 13.41 0.46 -28.75
CA ARG D 135 12.05 0.86 -29.19
C ARG D 135 10.86 0.23 -28.48
N ASP D 136 11.06 -0.92 -27.85
CA ASP D 136 9.97 -1.59 -27.20
C ASP D 136 10.49 -2.39 -26.01
N LEU D 137 11.17 -1.72 -25.10
CA LEU D 137 11.72 -2.42 -23.94
C LEU D 137 10.60 -2.63 -22.88
N ALA D 138 10.53 -3.83 -22.30
CA ALA D 138 9.39 -4.29 -21.51
C ALA D 138 9.76 -5.65 -20.98
N ALA D 139 9.15 -6.12 -19.87
CA ALA D 139 9.53 -7.44 -19.33
C ALA D 139 9.17 -8.57 -20.31
N ARG D 140 8.20 -8.35 -21.21
CA ARG D 140 7.68 -9.37 -22.13
C ARG D 140 8.68 -9.69 -23.25
N ASN D 141 9.67 -8.81 -23.40
CA ASN D 141 10.73 -8.95 -24.36
C ASN D 141 12.06 -9.38 -23.66
N CYS D 142 11.99 -9.92 -22.44
CA CYS D 142 13.20 -10.34 -21.75
C CYS D 142 13.06 -11.80 -21.44
N LEU D 143 14.19 -12.48 -21.38
CA LEU D 143 14.19 -13.93 -21.22
C LEU D 143 15.06 -14.31 -20.08
N VAL D 144 14.68 -15.36 -19.39
CA VAL D 144 15.36 -15.81 -18.20
C VAL D 144 15.95 -17.19 -18.45
N GLY D 145 17.21 -17.38 -18.05
CA GLY D 145 17.75 -18.71 -18.03
C GLY D 145 18.08 -19.14 -16.62
N GLU D 146 19.14 -19.92 -16.54
CA GLU D 146 19.57 -20.56 -15.29
C GLU D 146 20.23 -19.55 -14.42
N ASN D 147 20.02 -19.72 -13.13
CA ASN D 147 20.66 -18.83 -12.17
C ASN D 147 20.33 -17.36 -12.34
N HIS D 148 19.07 -17.08 -12.74
CA HIS D 148 18.45 -15.75 -12.98
C HIS D 148 19.21 -14.84 -13.92
N LEU D 149 19.84 -15.49 -14.87
CA LEU D 149 20.41 -14.80 -16.03
C LEU D 149 19.24 -14.22 -16.79
N VAL D 150 19.36 -12.98 -17.22
CA VAL D 150 18.31 -12.34 -17.95
C VAL D 150 18.97 -11.77 -19.18
N LYS D 151 18.29 -11.91 -20.32
CA LYS D 151 18.75 -11.40 -21.60
C LYS D 151 17.60 -10.56 -22.23
N VAL D 152 17.93 -9.47 -22.89
CA VAL D 152 16.99 -8.62 -23.58
C VAL D 152 16.88 -9.14 -25.05
N ALA D 153 15.67 -9.15 -25.57
CA ALA D 153 15.34 -9.57 -26.88
C ALA D 153 14.37 -8.53 -27.44
N ASP D 154 13.81 -8.85 -28.58
CA ASP D 154 12.79 -8.06 -29.18
C ASP D 154 12.03 -9.01 -30.06
N PHE D 155 10.80 -9.34 -29.66
CA PHE D 155 10.08 -10.36 -30.35
C PHE D 155 9.13 -9.81 -31.41
N GLY D 156 9.20 -8.52 -31.70
CA GLY D 156 8.36 -7.88 -32.71
C GLY D 156 6.91 -8.04 -32.36
N LEU D 157 6.62 -7.83 -31.06
CA LEU D 157 5.36 -8.23 -30.42
C LEU D 157 4.14 -7.46 -30.88
N SER D 158 4.38 -6.29 -31.48
CA SER D 158 3.35 -5.32 -31.77
C SER D 158 2.49 -5.76 -32.96
N ARG D 159 3.03 -6.70 -33.73
CA ARG D 159 2.22 -7.54 -34.62
C ARG D 159 1.41 -8.63 -33.88
N LEU D 160 2.07 -9.38 -33.00
CA LEU D 160 1.52 -10.64 -32.45
C LEU D 160 0.43 -10.56 -31.38
N MET D 161 0.64 -9.68 -30.40
CA MET D 161 -0.20 -9.59 -29.18
C MET D 161 -1.64 -9.15 -29.47
N THR D 162 -2.59 -9.75 -28.79
CA THR D 162 -4.01 -9.34 -28.97
C THR D 162 -4.50 -8.22 -28.00
N GLY D 163 -4.03 -8.27 -26.73
CA GLY D 163 -4.58 -7.46 -25.63
C GLY D 163 -4.53 -5.95 -25.75
N ASP D 164 -4.66 -5.27 -24.62
CA ASP D 164 -4.60 -3.79 -24.56
C ASP D 164 -3.16 -3.25 -24.59
N THR D 165 -2.16 -4.15 -24.38
CA THR D 165 -0.70 -3.81 -24.33
C THR D 165 -0.30 -2.84 -25.44
N TYR D 166 -0.59 -3.20 -26.68
CA TYR D 166 -0.29 -2.38 -27.85
C TYR D 166 -1.59 -1.77 -28.38
N THR D 167 -1.60 -0.45 -28.53
CA THR D 167 -2.76 0.27 -29.03
C THR D 167 -2.45 0.78 -30.41
N ALA D 168 -3.38 0.56 -31.33
CA ALA D 168 -3.24 1.04 -32.70
C ALA D 168 -3.70 2.48 -32.71
N HIS D 169 -2.81 3.35 -33.20
CA HIS D 169 -3.14 4.76 -33.46
C HIS D 169 -2.77 5.22 -34.87
N ALA D 170 -3.81 5.34 -35.70
CA ALA D 170 -3.64 5.92 -37.02
C ALA D 170 -2.43 5.28 -37.70
N GLY D 171 -2.45 3.94 -37.80
CA GLY D 171 -1.49 3.22 -38.63
C GLY D 171 -0.24 2.72 -37.95
N ALA D 172 -0.05 3.13 -36.69
CA ALA D 172 1.04 2.65 -35.80
C ALA D 172 0.45 1.86 -34.65
N LYS D 173 1.16 0.82 -34.17
CA LYS D 173 0.84 0.11 -32.90
C LYS D 173 1.87 0.52 -31.81
N PHE D 174 1.42 1.09 -30.68
CA PHE D 174 2.30 1.43 -29.57
C PHE D 174 1.86 0.84 -28.24
N PRO D 175 2.81 0.35 -27.40
CA PRO D 175 2.50 0.03 -26.00
C PRO D 175 2.49 1.33 -25.16
N ILE D 176 1.33 1.96 -25.05
CA ILE D 176 1.21 3.34 -24.51
C ILE D 176 1.77 3.48 -23.12
N LYS D 177 1.68 2.42 -22.34
CA LYS D 177 2.10 2.50 -20.94
C LYS D 177 3.62 2.40 -20.74
N TRP D 178 4.35 1.97 -21.76
CA TRP D 178 5.81 1.94 -21.70
C TRP D 178 6.41 3.10 -22.52
N THR D 179 5.57 3.88 -23.20
CA THR D 179 6.03 4.82 -24.24
C THR D 179 6.31 6.26 -23.69
N ALA D 180 7.38 6.88 -24.15
CA ALA D 180 7.76 8.17 -23.59
C ALA D 180 6.87 9.31 -24.14
N PRO D 181 6.57 10.31 -23.30
CA PRO D 181 5.73 11.42 -23.78
C PRO D 181 6.06 11.84 -25.23
N GLU D 182 7.34 12.11 -25.52
CA GLU D 182 7.74 12.58 -26.84
C GLU D 182 7.63 11.56 -27.96
N SER D 183 7.58 10.28 -27.60
CA SER D 183 7.35 9.23 -28.57
C SER D 183 5.89 9.21 -28.89
N LEU D 184 5.05 9.44 -27.88
CA LEU D 184 3.60 9.51 -28.07
C LEU D 184 3.20 10.78 -28.88
N ALA D 185 3.75 11.91 -28.50
CA ALA D 185 3.34 13.14 -29.12
C ALA D 185 3.92 13.30 -30.53
N TYR D 186 5.25 13.18 -30.65
CA TYR D 186 5.96 13.50 -31.88
C TYR D 186 6.55 12.31 -32.57
N ASN D 187 6.27 11.11 -32.08
CA ASN D 187 6.80 9.90 -32.69
C ASN D 187 8.36 9.90 -32.77
N LYS D 188 9.00 10.54 -31.78
CA LYS D 188 10.45 10.58 -31.68
C LYS D 188 11.00 9.51 -30.72
N PHE D 189 11.47 8.40 -31.29
CA PHE D 189 12.16 7.34 -30.57
C PHE D 189 13.65 7.54 -30.50
N SER D 190 14.21 7.29 -29.33
CA SER D 190 15.60 7.50 -29.16
C SER D 190 15.93 6.68 -27.94
N ILE D 191 17.21 6.71 -27.57
CA ILE D 191 17.77 6.01 -26.43
C ILE D 191 17.18 6.53 -25.13
N LYS D 192 16.90 7.82 -25.10
CA LYS D 192 16.18 8.45 -23.97
C LYS D 192 14.72 7.90 -23.82
N SER D 193 14.08 7.56 -24.92
CA SER D 193 12.79 6.92 -24.81
C SER D 193 12.92 5.44 -24.36
N ASP D 194 14.02 4.77 -24.68
CA ASP D 194 14.36 3.47 -24.08
C ASP D 194 14.58 3.58 -22.55
N VAL D 195 15.13 4.68 -22.07
CA VAL D 195 15.36 4.86 -20.61
C VAL D 195 14.02 5.05 -19.88
N TRP D 196 13.14 5.85 -20.47
CA TRP D 196 11.77 5.93 -20.03
C TRP D 196 11.16 4.50 -19.88
N ALA D 197 11.16 3.71 -20.94
CA ALA D 197 10.62 2.36 -20.95
C ALA D 197 11.35 1.46 -19.94
N PHE D 198 12.68 1.60 -19.84
CA PHE D 198 13.40 0.94 -18.72
C PHE D 198 12.82 1.24 -17.34
N GLY D 199 12.50 2.50 -17.05
CA GLY D 199 11.83 2.84 -15.78
C GLY D 199 10.53 2.06 -15.51
N VAL D 200 9.78 1.73 -16.57
CA VAL D 200 8.57 0.96 -16.48
C VAL D 200 8.94 -0.50 -16.28
N LEU D 201 9.97 -0.94 -17.00
CA LEU D 201 10.51 -2.29 -16.82
C LEU D 201 10.95 -2.46 -15.37
N LEU D 202 11.66 -1.51 -14.78
CA LEU D 202 11.97 -1.58 -13.29
C LEU D 202 10.75 -1.66 -12.40
N TRP D 203 9.72 -0.86 -12.74
CA TRP D 203 8.39 -0.97 -12.10
C TRP D 203 7.78 -2.38 -12.21
N GLU D 204 7.83 -3.00 -13.41
CA GLU D 204 7.32 -4.39 -13.54
C GLU D 204 8.11 -5.40 -12.67
N ILE D 205 9.40 -5.19 -12.61
CA ILE D 205 10.23 -6.03 -11.81
C ILE D 205 9.81 -5.91 -10.34
N ALA D 206 9.73 -4.67 -9.81
CA ALA D 206 9.48 -4.43 -8.38
C ALA D 206 8.14 -5.03 -7.93
N THR D 207 7.21 -5.21 -8.86
CA THR D 207 5.82 -5.59 -8.57
C THR D 207 5.60 -7.00 -9.04
N TYR D 208 6.70 -7.68 -9.43
CA TYR D 208 6.66 -9.02 -9.91
C TYR D 208 5.66 -9.22 -11.09
N GLY D 209 5.70 -8.32 -12.07
CA GLY D 209 4.92 -8.51 -13.24
C GLY D 209 3.54 -7.85 -13.25
N MET D 210 3.30 -6.87 -12.40
CA MET D 210 2.07 -6.14 -12.54
C MET D 210 2.02 -5.36 -13.85
N SER D 211 0.79 -5.13 -14.29
CA SER D 211 0.49 -4.22 -15.36
C SER D 211 0.66 -2.84 -14.86
N PRO D 212 1.40 -2.04 -15.60
CA PRO D 212 1.70 -0.73 -15.05
C PRO D 212 0.47 0.20 -15.19
N TYR D 213 0.42 1.35 -14.49
CA TYR D 213 -0.77 2.21 -14.45
C TYR D 213 -2.05 1.38 -14.30
N PRO D 214 -2.07 0.41 -13.36
CA PRO D 214 -3.24 -0.49 -13.20
C PRO D 214 -4.52 0.27 -12.86
N GLY D 215 -5.44 0.23 -13.80
CA GLY D 215 -6.77 0.69 -13.61
C GLY D 215 -6.97 2.00 -14.24
N ILE D 216 -5.89 2.55 -14.76
CA ILE D 216 -5.88 3.82 -15.50
C ILE D 216 -6.13 3.56 -16.98
N ASP D 217 -7.11 4.28 -17.49
CA ASP D 217 -7.49 4.17 -18.88
C ASP D 217 -6.40 4.74 -19.73
N LEU D 218 -6.07 4.03 -20.80
CA LEU D 218 -5.05 4.45 -21.76
C LEU D 218 -5.20 5.89 -22.26
N SER D 219 -6.45 6.36 -22.34
CA SER D 219 -6.75 7.69 -22.89
C SER D 219 -6.25 8.76 -21.93
N GLN D 220 -6.09 8.35 -20.66
CA GLN D 220 -5.70 9.29 -19.61
C GLN D 220 -4.19 9.38 -19.41
N VAL D 221 -3.48 8.44 -20.00
CA VAL D 221 -2.06 8.30 -19.70
C VAL D 221 -1.19 9.55 -20.01
N TYR D 222 -1.11 9.97 -21.26
CA TYR D 222 -0.36 11.14 -21.64
C TYR D 222 -0.72 12.37 -20.74
N GLU D 223 -1.99 12.78 -20.82
CA GLU D 223 -2.57 13.86 -19.98
C GLU D 223 -2.10 13.82 -18.54
N LEU D 224 -2.23 12.67 -17.92
CA LEU D 224 -1.76 12.46 -16.54
C LEU D 224 -0.26 12.70 -16.32
N LEU D 225 0.55 12.28 -17.29
CA LEU D 225 2.02 12.40 -17.21
C LEU D 225 2.41 13.83 -17.46
N GLU D 226 1.77 14.44 -18.45
CA GLU D 226 1.93 15.91 -18.69
C GLU D 226 1.63 16.74 -17.47
N LYS D 227 0.69 16.29 -16.64
CA LYS D 227 0.40 16.96 -15.35
C LYS D 227 1.19 16.37 -14.16
N ASP D 228 2.38 15.78 -14.44
CA ASP D 228 3.36 15.24 -13.42
C ASP D 228 2.93 14.00 -12.58
N TYR D 229 1.89 13.30 -13.03
CA TYR D 229 1.51 12.05 -12.38
C TYR D 229 2.60 11.06 -12.73
N ARG D 230 3.02 10.26 -11.76
CA ARG D 230 3.94 9.16 -11.99
C ARG D 230 3.47 8.03 -11.06
N MET D 231 3.67 6.79 -11.49
CA MET D 231 3.40 5.66 -10.64
C MET D 231 4.14 5.75 -9.32
N GLU D 232 3.49 5.29 -8.29
CA GLU D 232 4.04 5.34 -6.92
C GLU D 232 5.06 4.23 -6.68
N ARG D 233 5.92 4.40 -5.68
CA ARG D 233 6.86 3.36 -5.22
C ARG D 233 6.07 2.13 -4.90
N PRO D 234 6.37 1.01 -5.60
CA PRO D 234 5.75 -0.28 -5.24
C PRO D 234 6.14 -0.69 -3.83
N GLU D 235 5.30 -1.42 -3.14
CA GLU D 235 5.68 -1.87 -1.81
C GLU D 235 6.97 -2.71 -1.84
N GLY D 236 7.87 -2.47 -0.88
CA GLY D 236 9.14 -3.17 -0.82
C GLY D 236 10.17 -2.72 -1.83
N CYS D 237 9.83 -1.70 -2.63
CA CYS D 237 10.81 -1.21 -3.60
C CYS D 237 11.82 -0.31 -2.88
N PRO D 238 13.12 -0.62 -2.96
CA PRO D 238 14.10 0.28 -2.31
C PRO D 238 13.95 1.71 -2.80
N GLU D 239 14.46 2.67 -2.04
CA GLU D 239 14.17 4.07 -2.29
C GLU D 239 14.96 4.49 -3.46
N LYS D 240 16.23 4.07 -3.51
CA LYS D 240 17.17 4.39 -4.57
C LYS D 240 16.80 3.75 -5.93
N VAL D 241 16.22 2.55 -5.90
CA VAL D 241 15.62 1.98 -7.09
C VAL D 241 14.44 2.85 -7.56
N TYR D 242 13.59 3.31 -6.64
CA TYR D 242 12.52 4.28 -6.95
C TYR D 242 12.94 5.65 -7.48
N GLU D 243 14.00 6.23 -6.92
CA GLU D 243 14.65 7.44 -7.46
C GLU D 243 15.03 7.24 -8.87
N LEU D 244 15.69 6.11 -9.13
CA LEU D 244 16.13 5.75 -10.48
C LEU D 244 14.98 5.62 -11.52
N MET D 245 13.86 5.04 -11.10
CA MET D 245 12.62 5.04 -11.83
C MET D 245 12.11 6.41 -12.13
N ARG D 246 12.01 7.25 -11.11
CA ARG D 246 11.60 8.68 -11.33
C ARG D 246 12.47 9.39 -12.37
N ALA D 247 13.79 9.13 -12.30
CA ALA D 247 14.75 9.79 -13.15
C ALA D 247 14.61 9.31 -14.58
N CYS D 248 14.36 8.02 -14.76
CA CYS D 248 13.95 7.54 -16.09
C CYS D 248 12.69 8.23 -16.62
N TRP D 249 11.81 8.66 -15.69
CA TRP D 249 10.51 9.27 -16.07
C TRP D 249 10.52 10.82 -16.07
N GLN D 250 11.71 11.42 -16.13
CA GLN D 250 11.79 12.89 -16.24
C GLN D 250 11.08 13.31 -17.52
N TRP D 251 10.26 14.34 -17.46
CA TRP D 251 9.54 14.74 -18.67
C TRP D 251 10.43 14.98 -19.91
N ASN D 252 11.49 15.78 -19.73
CA ASN D 252 12.39 16.13 -20.81
C ASN D 252 13.36 14.98 -20.93
N PRO D 253 13.49 14.38 -22.15
CA PRO D 253 14.37 13.25 -22.41
C PRO D 253 15.80 13.47 -22.07
N SER D 254 16.25 14.72 -22.12
CA SER D 254 17.64 15.06 -21.91
C SER D 254 17.98 15.05 -20.42
N ASP D 255 16.97 15.26 -19.56
CA ASP D 255 17.12 15.18 -18.11
C ASP D 255 17.11 13.75 -17.58
N ARG D 256 16.84 12.80 -18.46
CA ARG D 256 16.89 11.35 -18.11
C ARG D 256 18.30 10.80 -18.04
N PRO D 257 18.58 9.91 -17.07
CA PRO D 257 19.97 9.49 -17.11
C PRO D 257 20.25 8.64 -18.36
N SER D 258 21.53 8.39 -18.65
CA SER D 258 21.92 7.45 -19.69
C SER D 258 21.98 6.06 -19.09
N PHE D 259 22.03 5.03 -19.90
CA PHE D 259 22.14 3.68 -19.36
C PHE D 259 23.54 3.42 -18.71
N ALA D 260 24.65 3.98 -19.30
CA ALA D 260 25.95 4.01 -18.55
C ALA D 260 25.75 4.38 -17.08
N GLU D 261 25.16 5.54 -16.78
CA GLU D 261 24.84 5.94 -15.37
C GLU D 261 23.86 5.01 -14.67
N ILE D 262 22.82 4.57 -15.40
CA ILE D 262 21.86 3.65 -14.77
C ILE D 262 22.62 2.40 -14.35
N HIS D 263 23.44 1.86 -15.26
CA HIS D 263 24.19 0.65 -14.97
C HIS D 263 25.20 0.89 -13.81
N GLN D 264 25.96 2.00 -13.84
CA GLN D 264 26.83 2.34 -12.68
C GLN D 264 26.07 2.40 -11.37
N ALA D 265 24.91 3.03 -11.38
CA ALA D 265 24.09 3.10 -10.21
C ALA D 265 23.64 1.73 -9.69
N PHE D 266 23.14 0.83 -10.54
CA PHE D 266 22.83 -0.56 -10.11
C PHE D 266 24.05 -1.37 -9.71
N GLU D 267 25.19 -1.07 -10.32
CA GLU D 267 26.43 -1.77 -9.99
C GLU D 267 27.12 -1.23 -8.71
N THR D 268 27.13 0.09 -8.52
CA THR D 268 27.49 0.70 -7.21
C THR D 268 26.53 0.21 -6.15
N MET D 269 25.40 -0.33 -6.58
CA MET D 269 24.29 -0.72 -5.72
C MET D 269 24.40 -2.20 -5.38
N PHE D 270 24.12 -3.08 -6.37
CA PHE D 270 24.10 -4.57 -6.26
C PHE D 270 25.34 -5.13 -5.51
N GLN D 271 26.35 -4.30 -5.35
CA GLN D 271 27.38 -4.59 -4.37
C GLN D 271 26.94 -4.30 -2.90
C1 STI E . 26.87 17.80 5.10
C6 STI E . 25.74 18.50 4.67
C5 STI E . 25.64 19.92 4.80
C4 STI E . 26.72 20.57 5.41
N3 STI E . 27.82 19.90 5.85
C2 STI E . 27.87 18.57 5.70
C7 STI E . 24.44 20.72 4.32
C12 STI E . 23.49 20.20 3.53
C11 STI E . 22.44 21.05 3.14
N10 STI E . 22.41 22.32 3.54
C9 STI E . 23.36 22.81 4.33
N8 STI E . 24.39 22.04 4.72
N13 STI E . 23.39 24.11 4.81
C14 STI E . 22.51 25.02 4.31
C19 STI E . 22.70 25.60 3.04
C18 STI E . 21.75 26.51 2.62
C17 STI E . 20.62 26.87 3.43
C16 STI E . 20.45 26.31 4.67
C15 STI E . 21.41 25.39 5.12
N21 STI E . 19.29 26.76 5.37
C22 STI E . 19.04 26.37 6.64
C23 STI E . 17.97 27.07 7.38
C25 STI E . 17.97 27.03 8.81
C26 STI E . 16.96 27.67 9.61
C27 STI E . 15.95 28.39 8.95
C28 STI E . 15.93 28.45 7.52
C29 STI E . 16.92 27.79 6.72
C46 STI E . 14.91 29.05 9.78
N48 STI E . 13.57 28.88 9.24
C53 STI E . 13.21 27.46 9.12
C52 STI E . 11.78 27.31 8.48
N51 STI E . 10.83 28.24 9.19
C54 STI E . 9.54 28.07 8.58
C50 STI E . 11.21 29.64 9.23
C49 STI E . 12.58 29.75 9.95
O29 STI E . 19.63 25.46 7.22
C20 STI E . 23.85 25.28 2.12
C1 STI F . -32.23 0.63 1.43
C6 STI F . -31.48 1.32 2.43
C5 STI F . -32.11 2.33 3.19
C4 STI F . -33.47 2.63 2.95
N3 STI F . -34.22 1.99 1.99
C2 STI F . -33.58 1.03 1.29
C7 STI F . -31.36 3.08 4.28
C12 STI F . -30.12 2.78 4.71
C11 STI F . -29.55 3.55 5.72
N10 STI F . -30.21 4.56 6.21
C9 STI F . -31.45 4.82 5.76
N8 STI F . -32.06 4.08 4.83
N13 STI F . -32.28 5.86 6.20
C14 STI F . -31.81 6.69 7.22
C19 STI F . -32.08 6.37 8.56
C18 STI F . -31.66 7.27 9.54
C17 STI F . -30.97 8.47 9.28
C16 STI F . -30.75 8.81 7.94
C15 STI F . -31.16 7.92 6.90
N21 STI F . -30.12 10.06 7.78
C22 STI F . -30.09 10.68 6.61
C23 STI F . -29.81 12.11 6.63
C25 STI F . -30.04 12.88 5.45
C26 STI F . -29.67 14.27 5.44
C27 STI F . -29.13 14.88 6.60
C28 STI F . -28.90 14.10 7.74
C29 STI F . -29.22 12.70 7.76
C46 STI F . -28.78 16.33 6.52
N48 STI F . -27.49 16.61 7.13
C53 STI F . -26.42 15.82 6.52
C52 STI F . -24.97 16.15 7.14
N51 STI F . -24.89 17.65 7.22
C54 STI F . -23.63 17.98 7.89
C50 STI F . -25.95 18.29 7.96
C49 STI F . -27.25 18.08 7.19
O29 STI F . -30.18 10.16 5.52
C20 STI F . -32.77 5.07 8.97
C1 STI G . 4.69 -32.31 6.40
C6 STI G . 4.57 -32.22 7.80
C5 STI G . 3.58 -33.01 8.47
C4 STI G . 2.78 -33.89 7.73
N3 STI G . 2.93 -33.96 6.34
C2 STI G . 3.87 -33.20 5.74
C7 STI G . 3.38 -33.00 9.97
C12 STI G . 4.25 -32.40 10.79
C11 STI G . 3.98 -32.52 12.18
N10 STI G . 2.90 -33.21 12.59
C9 STI G . 2.08 -33.80 11.71
N8 STI G . 2.31 -33.75 10.39
N13 STI G . 0.95 -34.49 12.05
C14 STI G . 0.73 -34.82 13.37
C19 STI G . 1.34 -35.92 14.03
C18 STI G . 0.96 -36.10 15.37
C17 STI G . 0.05 -35.25 16.05
C16 STI G . -0.54 -34.17 15.41
C15 STI G . -0.18 -33.99 14.09
N21 STI G . -1.45 -33.38 16.21
C22 STI G . -2.40 -32.53 15.74
C23 STI G . -3.56 -32.09 16.56
C25 STI G . -4.58 -31.30 16.01
C26 STI G . -5.68 -30.80 16.75
C27 STI G . -5.78 -31.12 18.10
C28 STI G . -4.78 -31.87 18.69
C29 STI G . -3.66 -32.35 17.94
C46 STI G . -6.95 -30.61 18.91
N48 STI G . -6.52 -29.98 20.15
C53 STI G . -5.62 -28.86 19.86
C52 STI G . -5.14 -28.22 21.24
N51 STI G . -6.34 -27.93 22.04
C54 STI G . -5.75 -27.50 23.29
C50 STI G . -7.13 -29.10 22.24
C49 STI G . -7.71 -29.50 20.87
O29 STI G . -2.32 -32.04 14.65
C20 STI G . 2.34 -36.91 13.41
C1 STI H . 11.54 -19.28 -24.80
C6 STI H . 11.33 -18.36 -25.87
C5 STI H . 12.39 -17.88 -26.66
C4 STI H . 13.67 -18.36 -26.37
N3 STI H . 13.92 -19.23 -25.34
C2 STI H . 12.86 -19.64 -24.58
C7 STI H . 12.20 -16.93 -27.83
C12 STI H . 10.99 -16.53 -28.23
C11 STI H . 10.98 -15.72 -29.37
N10 STI H . 12.12 -15.34 -29.98
C9 STI H . 13.27 -15.78 -29.55
N8 STI H . 13.34 -16.57 -28.48
N13 STI H . 14.51 -15.46 -30.10
C14 STI H . 14.66 -14.80 -31.32
C19 STI H . 14.64 -15.44 -32.57
C18 STI H . 14.84 -14.68 -33.70
C17 STI H . 15.10 -13.31 -33.67
C16 STI H . 15.20 -12.68 -32.44
C15 STI H . 14.98 -13.43 -31.28
N21 STI H . 15.49 -11.27 -32.46
C22 STI H . 15.80 -10.58 -31.34
C23 STI H . 16.35 -9.25 -31.52
C25 STI H . 16.98 -8.64 -30.43
C26 STI H . 17.49 -7.33 -30.60
C27 STI H . 17.37 -6.66 -31.81
C28 STI H . 16.72 -7.26 -32.89
C29 STI H . 16.18 -8.56 -32.75
C46 STI H . 17.92 -5.28 -31.89
N48 STI H . 17.08 -4.31 -32.58
C53 STI H . 15.73 -4.15 -31.97
C52 STI H . 14.88 -3.00 -32.69
N51 STI H . 15.72 -1.77 -32.81
C54 STI H . 14.97 -0.75 -33.54
C50 STI H . 16.96 -2.05 -33.47
C49 STI H . 17.82 -3.02 -32.60
O29 STI H . 15.59 -10.93 -30.19
C20 STI H . 14.33 -16.91 -32.72
#